data_4GX8
#
_entry.id   4GX8
#
_cell.length_a   84.470
_cell.length_b   56.630
_cell.length_c   138.010
_cell.angle_alpha   90.00
_cell.angle_beta   93.52
_cell.angle_gamma   90.00
#
_symmetry.space_group_name_H-M   'P 1 21 1'
#
loop_
_entity.id
_entity.type
_entity.pdbx_description
1 polymer 'DNA polymerase III subunit epsilon,DNA polymerase III subunit alpha'
2 non-polymer 'CHLORIDE ION'
3 water water
#
_entity_poly.entity_id   1
_entity_poly.type   'polypeptide(L)'
_entity_poly.pdbx_seq_one_letter_code
;MASKLRVVFATDEEIAAHEARLDLVQKKGGSCLWRATRESGSIGSMSEPRFVHLRVHSDYSMIDGPAKTAPLVKKAAALG
MPALAITDFTNLCGLVKFYGAGHGAGIKPIVGADFNVQCDLLGDELTHLTVLAANNTGYQNLTLLISKAYQRGYGAAGPI
IDRDWLIELNEGLILLSGGRMGDVGRSLLRGNSALVDECVAFYEEHFPDRYFLELIRTGRPDEESYLHAAVELAEARGLP
VVATNDVRFIDSSDFDAHEIRVAIHDGFTLDDPKRPRNYSPQQYMRSEEEMCELFADIPEALANTVEIAKRCNVT
;
_entity_poly.pdbx_strand_id   A,B,C,D
#
loop_
_chem_comp.id
_chem_comp.type
_chem_comp.name
_chem_comp.formula
CL non-polymer 'CHLORIDE ION' 'Cl -1'
#
# COMPACT_ATOMS: atom_id res chain seq x y z
N SER A 3 -8.28 28.64 -21.60
CA SER A 3 -7.33 27.49 -21.62
C SER A 3 -6.77 27.27 -23.02
N LYS A 4 -5.45 27.14 -23.11
CA LYS A 4 -4.79 26.88 -24.40
C LYS A 4 -4.68 25.38 -24.77
N LEU A 5 -5.18 24.51 -23.90
CA LEU A 5 -5.33 23.09 -24.26
C LEU A 5 -6.65 22.86 -24.97
N ARG A 6 -6.57 22.28 -26.16
CA ARG A 6 -7.71 22.05 -27.04
C ARG A 6 -8.53 20.84 -26.62
N VAL A 7 -9.85 21.03 -26.57
CA VAL A 7 -10.80 19.92 -26.55
C VAL A 7 -11.38 19.86 -27.96
N VAL A 8 -11.37 18.65 -28.54
CA VAL A 8 -11.96 18.42 -29.85
C VAL A 8 -13.41 17.96 -29.63
N PHE A 9 -14.35 18.87 -29.85
CA PHE A 9 -15.76 18.54 -29.64
C PHE A 9 -16.33 17.74 -30.79
N ALA A 10 -17.12 16.71 -30.45
CA ALA A 10 -17.89 15.97 -31.43
C ALA A 10 -18.74 16.99 -32.19
N THR A 11 -18.72 16.90 -33.52
CA THR A 11 -19.53 17.77 -34.37
C THR A 11 -21.02 17.41 -34.24
N ASP A 12 -21.89 18.25 -34.79
CA ASP A 12 -23.33 17.95 -34.81
C ASP A 12 -23.64 16.60 -35.48
N GLU A 13 -22.95 16.31 -36.60
CA GLU A 13 -23.08 15.00 -37.28
C GLU A 13 -22.70 13.83 -36.39
N GLU A 14 -21.60 13.99 -35.65
CA GLU A 14 -21.11 12.95 -34.75
C GLU A 14 -22.04 12.76 -33.56
N ILE A 15 -22.56 13.87 -33.05
CA ILE A 15 -23.54 13.83 -31.95
C ILE A 15 -24.79 13.06 -32.39
N ALA A 16 -25.24 13.27 -33.62
CA ALA A 16 -26.40 12.54 -34.15
C ALA A 16 -26.10 11.04 -34.25
N ALA A 17 -24.90 10.69 -34.68
CA ALA A 17 -24.48 9.29 -34.74
C ALA A 17 -24.39 8.68 -33.35
N HIS A 18 -23.92 9.47 -32.38
CA HIS A 18 -23.82 9.06 -30.98
C HIS A 18 -25.21 8.78 -30.42
N GLU A 19 -26.16 9.68 -30.67
CA GLU A 19 -27.53 9.45 -30.22
C GLU A 19 -28.12 8.20 -30.83
N ALA A 20 -27.86 8.01 -32.13
CA ALA A 20 -28.35 6.80 -32.82
C ALA A 20 -27.67 5.53 -32.27
N ARG A 21 -26.39 5.64 -31.93
CA ARG A 21 -25.65 4.51 -31.37
C ARG A 21 -26.17 4.14 -29.98
N LEU A 22 -26.47 5.16 -29.17
CA LEU A 22 -27.12 4.87 -27.86
C LEU A 22 -28.53 4.27 -28.01
N ASP A 23 -29.31 4.76 -28.98
CA ASP A 23 -30.60 4.16 -29.29
C ASP A 23 -30.43 2.66 -29.55
N LEU A 24 -29.37 2.28 -30.26
CA LEU A 24 -29.12 0.86 -30.55
C LEU A 24 -28.82 0.07 -29.27
N VAL A 25 -27.96 0.63 -28.41
CA VAL A 25 -27.68 0.02 -27.10
C VAL A 25 -29.00 -0.26 -26.39
N GLN A 26 -29.84 0.76 -26.32
CA GLN A 26 -31.06 0.70 -25.54
C GLN A 26 -32.12 -0.24 -26.13
N LYS A 27 -32.26 -0.18 -27.46
CA LYS A 27 -33.22 -1.04 -28.17
CA LYS A 27 -33.21 -1.03 -28.19
C LYS A 27 -32.81 -2.51 -28.17
N LYS A 28 -31.51 -2.77 -28.12
CA LYS A 28 -31.04 -4.16 -28.07
C LYS A 28 -30.91 -4.69 -26.65
N GLY A 29 -30.57 -3.82 -25.70
CA GLY A 29 -30.28 -4.23 -24.32
C GLY A 29 -31.31 -3.93 -23.25
N GLY A 30 -32.19 -2.96 -23.50
CA GLY A 30 -33.24 -2.67 -22.53
C GLY A 30 -32.82 -1.68 -21.46
N SER A 31 -31.66 -1.04 -21.67
CA SER A 31 -31.19 0.06 -20.79
C SER A 31 -30.05 0.80 -21.46
N CYS A 32 -29.74 1.98 -20.98
CA CYS A 32 -28.59 2.73 -21.51
C CYS A 32 -28.05 3.54 -20.34
N LEU A 33 -26.84 3.22 -19.89
CA LEU A 33 -26.28 3.89 -18.69
C LEU A 33 -26.07 5.38 -18.91
N TRP A 34 -25.76 5.76 -20.16
CA TRP A 34 -25.56 7.17 -20.50
C TRP A 34 -26.83 7.99 -20.20
N ARG A 35 -27.99 7.37 -20.41
CA ARG A 35 -29.29 8.00 -20.21
C ARG A 35 -30.02 7.53 -18.92
N ALA A 36 -29.31 6.86 -18.03
CA ALA A 36 -29.93 6.33 -16.80
C ALA A 36 -30.15 7.43 -15.75
N THR A 37 -31.27 7.36 -15.05
CA THR A 37 -31.55 8.29 -13.95
C THR A 37 -31.47 7.55 -12.61
N ARG A 38 -30.60 7.99 -11.69
CA ARG A 38 -30.52 7.33 -10.40
CA ARG A 38 -30.51 7.35 -10.37
C ARG A 38 -31.82 7.44 -9.61
N GLU A 39 -32.06 6.48 -8.73
CA GLU A 39 -33.27 6.46 -7.93
C GLU A 39 -33.26 7.72 -7.07
N SER A 40 -34.40 8.40 -6.99
CA SER A 40 -34.51 9.67 -6.24
CA SER A 40 -34.53 9.67 -6.25
C SER A 40 -33.76 10.82 -6.92
N GLY A 41 -33.30 10.58 -8.16
CA GLY A 41 -32.74 11.61 -9.02
C GLY A 41 -33.88 12.11 -9.92
N SER A 42 -33.57 13.02 -10.84
CA SER A 42 -34.57 13.53 -11.80
C SER A 42 -33.94 13.55 -13.18
N ILE A 43 -34.77 13.50 -14.23
CA ILE A 43 -34.26 13.60 -15.59
C ILE A 43 -33.47 14.90 -15.75
N GLY A 44 -34.02 15.97 -15.17
CA GLY A 44 -33.44 17.30 -15.26
C GLY A 44 -32.06 17.47 -14.62
N SER A 45 -31.73 16.60 -13.68
CA SER A 45 -30.46 16.71 -12.95
C SER A 45 -29.44 15.65 -13.36
N MET A 46 -29.75 14.89 -14.41
CA MET A 46 -28.80 13.94 -14.97
C MET A 46 -27.55 14.63 -15.50
N SER A 47 -26.41 13.98 -15.35
CA SER A 47 -25.16 14.58 -15.78
C SER A 47 -24.42 13.70 -16.78
N GLU A 48 -23.58 14.33 -17.57
CA GLU A 48 -22.76 13.62 -18.55
C GLU A 48 -21.61 12.89 -17.87
N PRO A 49 -21.08 11.83 -18.50
CA PRO A 49 -19.87 11.24 -17.92
C PRO A 49 -18.72 12.25 -17.97
N ARG A 50 -17.81 12.13 -17.01
CA ARG A 50 -16.65 13.01 -16.93
C ARG A 50 -15.40 12.32 -17.51
N PHE A 51 -15.44 11.00 -17.61
CA PHE A 51 -14.29 10.23 -18.07
C PHE A 51 -14.77 8.90 -18.65
N VAL A 52 -14.13 8.48 -19.74
CA VAL A 52 -14.36 7.16 -20.35
C VAL A 52 -12.99 6.49 -20.56
N HIS A 53 -12.86 5.21 -20.16
CA HIS A 53 -11.67 4.40 -20.47
C HIS A 53 -11.55 4.05 -21.96
N LEU A 54 -10.45 4.48 -22.59
CA LEU A 54 -10.25 4.25 -24.02
C LEU A 54 -9.08 3.30 -24.31
N ARG A 55 -8.40 2.85 -23.27
CA ARG A 55 -7.33 1.87 -23.45
C ARG A 55 -7.44 0.83 -22.37
N VAL A 56 -7.86 -0.36 -22.77
CA VAL A 56 -8.25 -1.41 -21.83
C VAL A 56 -7.96 -2.75 -22.50
N HIS A 57 -7.24 -3.61 -21.78
CA HIS A 57 -6.88 -4.94 -22.27
C HIS A 57 -7.54 -6.00 -21.43
N SER A 58 -8.00 -7.08 -22.09
CA SER A 58 -8.36 -8.31 -21.39
C SER A 58 -7.10 -9.00 -20.85
N ASP A 59 -7.29 -9.95 -19.93
CA ASP A 59 -6.17 -10.58 -19.20
C ASP A 59 -5.08 -11.21 -20.09
N TYR A 60 -5.47 -11.80 -21.22
CA TYR A 60 -4.51 -12.54 -22.05
C TYR A 60 -4.10 -11.83 -23.35
N SER A 61 -4.39 -10.53 -23.41
CA SER A 61 -4.25 -9.70 -24.63
C SER A 61 -2.97 -9.92 -25.48
N MET A 62 -1.81 -9.86 -24.83
CA MET A 62 -0.54 -10.00 -25.57
CA MET A 62 -0.51 -9.96 -25.52
C MET A 62 0.11 -11.36 -25.40
N ILE A 63 -0.49 -12.20 -24.55
CA ILE A 63 0.04 -13.53 -24.29
C ILE A 63 -0.90 -14.61 -24.85
N ASP A 64 -0.63 -15.87 -24.51
CA ASP A 64 -1.45 -16.97 -24.97
C ASP A 64 -2.67 -17.12 -24.06
N GLY A 65 -3.84 -17.29 -24.67
CA GLY A 65 -5.07 -17.51 -23.90
C GLY A 65 -6.30 -16.85 -24.49
N PRO A 66 -7.46 -17.07 -23.85
CA PRO A 66 -8.76 -16.57 -24.29
C PRO A 66 -8.91 -15.05 -24.11
N ALA A 67 -9.70 -14.43 -24.98
CA ALA A 67 -10.09 -13.04 -24.83
C ALA A 67 -11.45 -12.90 -24.14
N LYS A 68 -11.44 -13.00 -22.81
CA LYS A 68 -12.67 -12.88 -22.05
C LYS A 68 -12.91 -11.40 -21.71
N THR A 69 -14.02 -10.87 -22.22
CA THR A 69 -14.34 -9.47 -22.01
C THR A 69 -15.51 -9.25 -21.03
N ALA A 70 -16.21 -10.34 -20.68
CA ALA A 70 -17.29 -10.32 -19.69
C ALA A 70 -16.92 -9.60 -18.38
N PRO A 71 -15.76 -9.94 -17.77
CA PRO A 71 -15.41 -9.27 -16.51
C PRO A 71 -15.14 -7.77 -16.64
N LEU A 72 -14.64 -7.31 -17.78
CA LEU A 72 -14.44 -5.86 -18.01
C LEU A 72 -15.77 -5.12 -18.10
N VAL A 73 -16.73 -5.71 -18.81
CA VAL A 73 -18.08 -5.16 -18.90
C VAL A 73 -18.77 -5.17 -17.54
N LYS A 74 -18.68 -6.30 -16.83
CA LYS A 74 -19.22 -6.44 -15.49
C LYS A 74 -18.71 -5.33 -14.56
N LYS A 75 -17.40 -5.08 -14.60
CA LYS A 75 -16.81 -4.03 -13.78
C LYS A 75 -17.28 -2.64 -14.21
N ALA A 76 -17.24 -2.35 -15.51
CA ALA A 76 -17.69 -1.05 -16.02
C ALA A 76 -19.14 -0.77 -15.63
N ALA A 77 -19.99 -1.80 -15.71
CA ALA A 77 -21.39 -1.68 -15.33
C ALA A 77 -21.55 -1.38 -13.84
N ALA A 78 -20.74 -2.04 -13.00
CA ALA A 78 -20.74 -1.79 -11.57
C ALA A 78 -20.30 -0.36 -11.24
N LEU A 79 -19.37 0.18 -12.04
CA LEU A 79 -18.87 1.54 -11.84
C LEU A 79 -19.80 2.60 -12.45
N GLY A 80 -20.87 2.15 -13.11
CA GLY A 80 -21.80 3.02 -13.82
C GLY A 80 -21.22 3.73 -15.03
N MET A 81 -20.20 3.11 -15.64
CA MET A 81 -19.59 3.67 -16.85
C MET A 81 -20.44 3.48 -18.11
N PRO A 82 -20.76 4.59 -18.83
CA PRO A 82 -21.69 4.44 -19.95
C PRO A 82 -21.04 4.04 -21.25
N ALA A 83 -19.70 4.03 -21.28
CA ALA A 83 -18.97 3.61 -22.46
C ALA A 83 -17.65 2.99 -22.04
N LEU A 84 -17.09 2.16 -22.91
CA LEU A 84 -15.84 1.45 -22.63
C LEU A 84 -15.23 1.00 -23.95
N ALA A 85 -13.93 1.20 -24.12
CA ALA A 85 -13.24 0.62 -25.26
C ALA A 85 -12.51 -0.61 -24.81
N ILE A 86 -12.43 -1.61 -25.70
CA ILE A 86 -11.47 -2.70 -25.54
CA ILE A 86 -11.48 -2.71 -25.55
C ILE A 86 -10.45 -2.55 -26.66
N THR A 87 -9.18 -2.56 -26.26
CA THR A 87 -8.10 -2.28 -27.21
C THR A 87 -7.03 -3.34 -27.05
N ASP A 88 -7.37 -4.57 -27.41
CA ASP A 88 -6.43 -5.68 -27.26
C ASP A 88 -5.32 -5.61 -28.31
N PHE A 89 -4.29 -6.40 -28.11
CA PHE A 89 -3.10 -6.24 -28.93
C PHE A 89 -3.25 -6.87 -30.30
N THR A 90 -3.34 -6.00 -31.31
CA THR A 90 -3.38 -6.41 -32.73
C THR A 90 -4.41 -7.54 -32.93
N ASN A 91 -5.54 -7.41 -32.23
CA ASN A 91 -6.63 -8.36 -32.40
C ASN A 91 -7.95 -7.79 -31.94
N LEU A 92 -9.02 -8.33 -32.51
CA LEU A 92 -10.40 -8.00 -32.17
C LEU A 92 -11.16 -9.25 -31.70
N CYS A 93 -10.43 -10.20 -31.11
CA CYS A 93 -11.01 -11.45 -30.63
C CYS A 93 -12.31 -11.27 -29.86
N GLY A 94 -12.31 -10.39 -28.87
CA GLY A 94 -13.41 -10.31 -27.93
C GLY A 94 -14.55 -9.43 -28.37
N LEU A 95 -14.44 -8.90 -29.58
CA LEU A 95 -15.37 -7.85 -30.05
C LEU A 95 -16.83 -8.31 -30.10
N VAL A 96 -17.09 -9.45 -30.73
CA VAL A 96 -18.47 -9.90 -30.91
C VAL A 96 -19.16 -10.08 -29.56
N LYS A 97 -18.45 -10.70 -28.62
CA LYS A 97 -18.96 -10.88 -27.27
C LYS A 97 -19.01 -9.58 -26.47
N PHE A 98 -18.02 -8.69 -26.68
CA PHE A 98 -17.99 -7.41 -25.98
C PHE A 98 -19.20 -6.57 -26.40
N TYR A 99 -19.49 -6.61 -27.70
CA TYR A 99 -20.61 -5.87 -28.28
C TYR A 99 -21.92 -6.30 -27.63
N GLY A 100 -22.14 -7.60 -27.56
CA GLY A 100 -23.38 -8.14 -27.01
C GLY A 100 -23.52 -7.91 -25.51
N ALA A 101 -22.43 -8.09 -24.78
CA ALA A 101 -22.39 -7.92 -23.32
C ALA A 101 -22.56 -6.44 -22.99
N GLY A 102 -21.90 -5.58 -23.78
CA GLY A 102 -22.01 -4.13 -23.63
C GLY A 102 -23.49 -3.76 -23.69
N HIS A 103 -24.15 -4.20 -24.77
CA HIS A 103 -25.58 -3.94 -24.95
C HIS A 103 -26.40 -4.45 -23.78
N GLY A 104 -26.10 -5.68 -23.32
CA GLY A 104 -26.84 -6.23 -22.21
C GLY A 104 -26.72 -5.38 -20.96
N ALA A 105 -25.58 -4.72 -20.80
CA ALA A 105 -25.31 -3.91 -19.60
C ALA A 105 -25.65 -2.43 -19.80
N GLY A 106 -26.15 -2.10 -20.98
CA GLY A 106 -26.45 -0.69 -21.31
C GLY A 106 -25.22 0.17 -21.55
N ILE A 107 -24.11 -0.46 -21.92
CA ILE A 107 -22.86 0.26 -22.18
C ILE A 107 -22.60 0.43 -23.66
N LYS A 108 -22.17 1.63 -24.07
CA LYS A 108 -21.76 1.83 -25.45
C LYS A 108 -20.39 1.20 -25.69
N PRO A 109 -20.32 0.16 -26.53
CA PRO A 109 -19.04 -0.50 -26.78
C PRO A 109 -18.21 0.28 -27.78
N ILE A 110 -16.95 0.54 -27.44
CA ILE A 110 -16.04 1.20 -28.37
C ILE A 110 -14.99 0.19 -28.86
N VAL A 111 -14.75 0.20 -30.18
CA VAL A 111 -13.94 -0.78 -30.89
C VAL A 111 -12.56 -0.20 -31.14
N GLY A 112 -11.52 -0.91 -30.73
CA GLY A 112 -10.15 -0.47 -31.00
C GLY A 112 -9.14 -1.59 -30.89
N ALA A 113 -7.87 -1.28 -31.13
CA ALA A 113 -6.78 -2.23 -30.89
C ALA A 113 -5.49 -1.47 -30.64
N ASP A 114 -4.57 -2.10 -29.90
CA ASP A 114 -3.22 -1.61 -29.68
C ASP A 114 -2.24 -2.26 -30.67
N PHE A 115 -1.24 -1.47 -31.08
CA PHE A 115 -0.26 -1.97 -32.04
C PHE A 115 1.16 -1.66 -31.60
N ASN A 116 2.10 -2.39 -32.17
CA ASN A 116 3.50 -2.01 -32.20
C ASN A 116 3.76 -1.48 -33.60
N VAL A 117 4.36 -0.29 -33.68
CA VAL A 117 4.55 0.41 -34.94
C VAL A 117 6.03 0.60 -35.25
N GLN A 118 6.39 0.39 -36.52
CA GLN A 118 7.70 0.69 -37.10
C GLN A 118 7.61 1.84 -38.09
N CYS A 119 8.58 2.74 -38.05
CA CYS A 119 8.64 3.84 -38.98
CA CYS A 119 8.64 3.87 -38.95
C CYS A 119 10.10 4.14 -39.36
N ASP A 120 10.31 4.54 -40.61
CA ASP A 120 11.66 4.79 -41.09
C ASP A 120 12.42 5.84 -40.28
N LEU A 121 11.70 6.85 -39.80
CA LEU A 121 12.27 7.93 -38.99
C LEU A 121 12.88 7.43 -37.66
N LEU A 122 12.31 6.36 -37.11
CA LEU A 122 12.80 5.75 -35.87
CA LEU A 122 12.84 5.78 -35.87
C LEU A 122 13.56 4.44 -36.12
N GLY A 123 13.79 4.11 -37.38
CA GLY A 123 14.44 2.85 -37.74
C GLY A 123 13.69 1.60 -37.33
N ASP A 124 14.40 0.70 -36.64
CA ASP A 124 13.85 -0.60 -36.27
C ASP A 124 13.05 -0.60 -34.97
N GLU A 125 13.12 0.50 -34.23
CA GLU A 125 12.48 0.59 -32.92
C GLU A 125 10.96 0.52 -33.02
N LEU A 126 10.35 -0.33 -32.19
CA LEU A 126 8.89 -0.46 -32.15
C LEU A 126 8.30 0.47 -31.14
N THR A 127 7.28 1.20 -31.58
CA THR A 127 6.57 2.12 -30.71
C THR A 127 5.08 1.77 -30.54
N HIS A 128 4.46 2.30 -29.49
CA HIS A 128 3.07 1.97 -29.19
C HIS A 128 2.11 2.92 -29.88
N LEU A 129 0.99 2.38 -30.35
CA LEU A 129 -0.11 3.22 -30.84
C LEU A 129 -1.43 2.54 -30.55
N THR A 130 -2.45 3.30 -30.11
CA THR A 130 -3.82 2.78 -29.97
C THR A 130 -4.66 3.32 -31.11
N VAL A 131 -5.37 2.42 -31.79
CA VAL A 131 -6.27 2.80 -32.88
C VAL A 131 -7.72 2.52 -32.49
N LEU A 132 -8.55 3.57 -32.49
CA LEU A 132 -10.00 3.43 -32.24
C LEU A 132 -10.78 3.57 -33.54
N ALA A 133 -11.78 2.72 -33.73
CA ALA A 133 -12.68 2.83 -34.87
C ALA A 133 -13.84 3.77 -34.56
N ALA A 134 -13.89 4.87 -35.31
CA ALA A 134 -14.91 5.91 -35.11
C ALA A 134 -16.22 5.61 -35.83
N ASN A 135 -16.14 4.79 -36.87
CA ASN A 135 -17.32 4.46 -37.63
C ASN A 135 -17.07 3.12 -38.32
N ASN A 136 -18.07 2.61 -39.04
CA ASN A 136 -17.93 1.29 -39.67
C ASN A 136 -16.83 1.19 -40.72
N THR A 137 -16.59 2.29 -41.44
CA THR A 137 -15.43 2.35 -42.34
C THR A 137 -14.13 2.20 -41.57
N GLY A 138 -14.02 2.92 -40.44
CA GLY A 138 -12.89 2.74 -39.53
C GLY A 138 -12.74 1.32 -39.03
N TYR A 139 -13.85 0.68 -38.69
CA TYR A 139 -13.83 -0.71 -38.25
C TYR A 139 -13.28 -1.62 -39.35
N GLN A 140 -13.76 -1.43 -40.57
CA GLN A 140 -13.23 -2.18 -41.69
C GLN A 140 -11.71 -1.92 -41.87
N ASN A 141 -11.30 -0.66 -41.72
CA ASN A 141 -9.89 -0.28 -41.92
C ASN A 141 -9.01 -0.85 -40.80
N LEU A 142 -9.54 -0.87 -39.58
CA LEU A 142 -8.84 -1.47 -38.47
C LEU A 142 -8.64 -2.97 -38.70
N THR A 143 -9.67 -3.62 -39.22
CA THR A 143 -9.60 -5.04 -39.56
CA THR A 143 -9.56 -5.04 -39.53
C THR A 143 -8.52 -5.30 -40.64
N LEU A 144 -8.47 -4.42 -41.63
CA LEU A 144 -7.50 -4.52 -42.70
C LEU A 144 -6.06 -4.31 -42.20
N LEU A 145 -5.89 -3.36 -41.29
CA LEU A 145 -4.59 -3.08 -40.70
C LEU A 145 -4.07 -4.30 -39.92
N ILE A 146 -4.93 -4.92 -39.12
CA ILE A 146 -4.57 -6.17 -38.42
C ILE A 146 -4.18 -7.28 -39.42
N SER A 147 -4.98 -7.46 -40.47
CA SER A 147 -4.68 -8.46 -41.50
CA SER A 147 -4.68 -8.46 -41.50
C SER A 147 -3.32 -8.19 -42.14
N LYS A 148 -3.03 -6.92 -42.44
CA LYS A 148 -1.77 -6.53 -43.07
C LYS A 148 -0.55 -6.90 -42.20
N ALA A 149 -0.67 -6.65 -40.89
CA ALA A 149 0.42 -6.98 -39.95
C ALA A 149 0.69 -8.48 -39.91
N TYR A 150 -0.38 -9.28 -39.92
CA TYR A 150 -0.18 -10.74 -39.94
C TYR A 150 0.31 -11.29 -41.27
N GLN A 151 -0.21 -10.72 -42.36
CA GLN A 151 0.08 -11.20 -43.71
CA GLN A 151 0.07 -11.22 -43.71
C GLN A 151 1.55 -11.10 -44.10
N ARG A 152 2.25 -10.08 -43.64
N ARG A 152 2.19 -10.05 -43.58
CA ARG A 152 3.68 -10.01 -43.94
CA ARG A 152 3.62 -9.78 -43.70
C ARG A 152 4.52 -10.84 -42.97
C ARG A 152 4.46 -10.86 -43.01
N GLY A 153 3.86 -11.51 -42.02
CA GLY A 153 4.56 -12.43 -41.13
C GLY A 153 5.30 -11.71 -40.01
N TYR A 154 5.76 -12.48 -39.03
CA TYR A 154 6.46 -11.90 -37.89
C TYR A 154 7.40 -12.90 -37.24
N GLY A 155 8.40 -12.37 -36.53
CA GLY A 155 9.31 -13.18 -35.72
C GLY A 155 8.90 -13.11 -34.26
N ALA A 156 9.87 -13.27 -33.36
CA ALA A 156 9.63 -13.26 -31.92
C ALA A 156 9.08 -11.92 -31.39
N ALA A 157 9.30 -10.85 -32.16
CA ALA A 157 8.82 -9.52 -31.78
C ALA A 157 7.30 -9.35 -31.96
N GLY A 158 6.68 -10.27 -32.71
CA GLY A 158 5.23 -10.26 -32.90
C GLY A 158 4.81 -9.41 -34.08
N PRO A 159 3.49 -9.39 -34.38
CA PRO A 159 2.97 -8.63 -35.51
C PRO A 159 3.17 -7.12 -35.32
N ILE A 160 3.56 -6.44 -36.40
CA ILE A 160 3.92 -5.03 -36.36
C ILE A 160 3.24 -4.35 -37.53
N ILE A 161 2.85 -3.08 -37.37
CA ILE A 161 2.36 -2.32 -38.51
C ILE A 161 3.40 -1.29 -38.95
N ASP A 162 3.48 -1.00 -40.25
CA ASP A 162 4.27 0.17 -40.72
C ASP A 162 3.43 1.42 -40.52
N ARG A 163 4.04 2.48 -39.96
CA ARG A 163 3.32 3.73 -39.75
C ARG A 163 2.68 4.22 -41.06
N ASP A 164 3.39 4.08 -42.17
CA ASP A 164 2.89 4.58 -43.45
C ASP A 164 1.67 3.84 -43.99
N TRP A 165 1.38 2.64 -43.46
CA TRP A 165 0.13 1.95 -43.80
C TRP A 165 -1.10 2.73 -43.36
N LEU A 166 -0.94 3.60 -42.36
CA LEU A 166 -2.01 4.46 -41.86
C LEU A 166 -2.44 5.54 -42.84
N ILE A 167 -1.59 5.87 -43.82
CA ILE A 167 -1.98 6.84 -44.85
C ILE A 167 -3.22 6.36 -45.59
N GLU A 168 -3.11 5.18 -46.21
CA GLU A 168 -4.23 4.63 -46.97
C GLU A 168 -5.40 4.17 -46.11
N LEU A 169 -5.12 3.76 -44.89
CA LEU A 169 -6.16 3.20 -44.02
C LEU A 169 -6.76 4.19 -43.00
N ASN A 170 -6.47 5.48 -43.15
CA ASN A 170 -6.78 6.45 -42.10
C ASN A 170 -8.27 6.69 -41.82
N GLU A 171 -9.14 6.51 -42.82
CA GLU A 171 -10.52 6.99 -42.70
C GLU A 171 -11.27 6.26 -41.57
N GLY A 172 -11.87 7.06 -40.70
CA GLY A 172 -12.70 6.57 -39.61
C GLY A 172 -11.94 6.08 -38.41
N LEU A 173 -10.63 6.39 -38.33
CA LEU A 173 -9.79 6.01 -37.19
C LEU A 173 -9.43 7.20 -36.34
N ILE A 174 -9.44 6.98 -35.02
CA ILE A 174 -8.90 7.95 -34.07
CA ILE A 174 -8.93 7.93 -34.04
C ILE A 174 -7.72 7.30 -33.37
N LEU A 175 -6.59 8.02 -33.34
CA LEU A 175 -5.33 7.51 -32.77
C LEU A 175 -5.04 8.07 -31.38
N LEU A 176 -4.62 7.19 -30.46
CA LEU A 176 -4.03 7.62 -29.19
C LEU A 176 -2.54 7.35 -29.27
N SER A 177 -1.75 8.36 -28.94
CA SER A 177 -0.31 8.44 -29.27
C SER A 177 0.63 7.38 -28.66
N GLY A 178 0.21 6.67 -27.62
CA GLY A 178 1.09 5.68 -26.98
C GLY A 178 1.88 6.22 -25.80
N GLY A 179 1.73 7.52 -25.54
CA GLY A 179 2.36 8.14 -24.38
C GLY A 179 3.88 8.10 -24.49
N ARG A 180 4.54 7.82 -23.36
CA ARG A 180 6.00 7.72 -23.33
C ARG A 180 6.55 6.66 -24.29
N MET A 181 5.69 5.72 -24.71
CA MET A 181 6.10 4.59 -25.54
C MET A 181 5.85 4.80 -27.02
N GLY A 182 5.20 5.90 -27.38
CA GLY A 182 4.88 6.19 -28.78
C GLY A 182 6.00 6.90 -29.49
N ASP A 183 5.87 7.11 -30.79
CA ASP A 183 6.98 7.76 -31.52
C ASP A 183 7.23 9.19 -31.06
N VAL A 184 6.15 9.95 -30.91
CA VAL A 184 6.25 11.33 -30.40
C VAL A 184 6.80 11.34 -28.98
N GLY A 185 6.28 10.47 -28.12
CA GLY A 185 6.69 10.44 -26.70
C GLY A 185 8.14 10.08 -26.48
N ARG A 186 8.60 9.05 -27.20
CA ARG A 186 9.99 8.63 -27.12
CA ARG A 186 9.99 8.64 -27.10
C ARG A 186 10.92 9.76 -27.57
N SER A 187 10.52 10.44 -28.64
CA SER A 187 11.33 11.51 -29.19
C SER A 187 11.33 12.76 -28.29
N LEU A 188 10.20 13.03 -27.62
CA LEU A 188 10.15 14.09 -26.59
C LEU A 188 11.11 13.79 -25.42
N LEU A 189 11.09 12.55 -24.94
CA LEU A 189 11.98 12.14 -23.84
C LEU A 189 13.47 12.22 -24.20
N ARG A 190 13.77 12.05 -25.49
CA ARG A 190 15.16 12.12 -25.97
C ARG A 190 15.58 13.53 -26.38
N GLY A 191 14.62 14.44 -26.40
CA GLY A 191 14.92 15.84 -26.77
C GLY A 191 15.20 15.97 -28.26
N ASN A 192 14.66 15.05 -29.05
CA ASN A 192 14.84 15.09 -30.49
C ASN A 192 13.72 15.94 -31.12
N SER A 193 13.86 17.26 -31.02
CA SER A 193 12.81 18.21 -31.45
C SER A 193 12.45 18.07 -32.92
N ALA A 194 13.47 17.88 -33.75
CA ALA A 194 13.31 17.69 -35.19
C ALA A 194 12.49 16.43 -35.52
N LEU A 195 12.71 15.36 -34.77
CA LEU A 195 11.93 14.16 -35.00
C LEU A 195 10.48 14.31 -34.50
N VAL A 196 10.31 14.94 -33.33
CA VAL A 196 8.96 15.26 -32.83
C VAL A 196 8.19 16.03 -33.92
N ASP A 197 8.85 17.02 -34.51
CA ASP A 197 8.22 17.84 -35.55
C ASP A 197 7.81 17.01 -36.75
N GLU A 198 8.70 16.14 -37.23
CA GLU A 198 8.37 15.25 -38.34
C GLU A 198 7.21 14.31 -38.03
N CYS A 199 7.19 13.75 -36.83
CA CYS A 199 6.11 12.84 -36.44
C CYS A 199 4.77 13.57 -36.34
N VAL A 200 4.78 14.73 -35.70
CA VAL A 200 3.56 15.50 -35.53
C VAL A 200 3.01 15.95 -36.89
N ALA A 201 3.90 16.27 -37.84
CA ALA A 201 3.48 16.66 -39.19
C ALA A 201 2.72 15.53 -39.88
N PHE A 202 3.17 14.30 -39.68
CA PHE A 202 2.48 13.13 -40.24
C PHE A 202 1.06 13.04 -39.68
N TYR A 203 0.89 13.15 -38.37
CA TYR A 203 -0.46 13.01 -37.81
C TYR A 203 -1.37 14.17 -38.15
N GLU A 204 -0.81 15.37 -38.21
CA GLU A 204 -1.62 16.53 -38.58
C GLU A 204 -2.10 16.43 -40.02
N GLU A 205 -1.28 15.87 -40.89
CA GLU A 205 -1.65 15.72 -42.31
C GLU A 205 -2.72 14.64 -42.52
N HIS A 206 -2.53 13.48 -41.90
CA HIS A 206 -3.39 12.33 -42.20
C HIS A 206 -4.49 12.08 -41.19
N PHE A 207 -4.35 12.63 -39.98
CA PHE A 207 -5.33 12.42 -38.92
C PHE A 207 -5.75 13.73 -38.25
N PRO A 208 -6.24 14.70 -39.05
CA PRO A 208 -6.61 16.01 -38.49
C PRO A 208 -7.77 15.87 -37.50
N ASP A 209 -7.58 16.42 -36.29
CA ASP A 209 -8.53 16.22 -35.18
C ASP A 209 -8.80 14.76 -34.82
N ARG A 210 -7.88 13.86 -35.20
CA ARG A 210 -8.06 12.45 -34.96
C ARG A 210 -6.78 11.85 -34.39
N TYR A 211 -5.96 12.68 -33.78
CA TYR A 211 -4.74 12.20 -33.09
C TYR A 211 -4.62 12.88 -31.74
N PHE A 212 -4.50 12.06 -30.68
CA PHE A 212 -4.49 12.60 -29.32
C PHE A 212 -3.23 12.20 -28.59
N LEU A 213 -2.59 13.18 -27.93
CA LEU A 213 -1.42 12.89 -27.10
C LEU A 213 -1.88 12.24 -25.80
N GLU A 214 -1.49 10.98 -25.64
CA GLU A 214 -1.98 10.16 -24.55
C GLU A 214 -1.20 10.45 -23.27
N LEU A 215 -1.92 10.80 -22.20
CA LEU A 215 -1.33 11.08 -20.90
C LEU A 215 -1.72 9.99 -19.90
N ILE A 216 -0.74 9.47 -19.16
CA ILE A 216 -0.94 8.30 -18.33
C ILE A 216 -0.22 8.51 -16.99
N ARG A 217 -0.94 8.29 -15.91
CA ARG A 217 -0.40 8.43 -14.57
C ARG A 217 -0.56 7.14 -13.77
N THR A 218 0.41 6.25 -13.92
CA THR A 218 0.37 4.93 -13.27
C THR A 218 1.65 4.66 -12.49
N GLY A 219 2.42 5.72 -12.24
CA GLY A 219 3.63 5.62 -11.42
C GLY A 219 4.76 4.80 -12.02
N ARG A 220 4.94 4.88 -13.33
CA ARG A 220 6.05 4.18 -13.98
C ARG A 220 7.09 5.18 -14.53
N PRO A 221 8.35 4.72 -14.75
CA PRO A 221 9.42 5.64 -15.15
C PRO A 221 9.14 6.46 -16.40
N ASP A 222 9.53 7.73 -16.34
CA ASP A 222 9.38 8.70 -17.44
C ASP A 222 7.95 9.12 -17.75
N GLU A 223 6.95 8.58 -17.03
CA GLU A 223 5.54 8.94 -17.35
C GLU A 223 5.25 10.42 -17.13
N GLU A 224 5.73 10.97 -16.01
CA GLU A 224 5.44 12.37 -15.71
C GLU A 224 6.34 13.33 -16.47
N SER A 225 7.59 12.92 -16.69
CA SER A 225 8.51 13.74 -17.47
CA SER A 225 8.54 13.70 -17.49
C SER A 225 8.00 13.83 -18.91
N TYR A 226 7.50 12.72 -19.45
CA TYR A 226 6.88 12.73 -20.76
C TYR A 226 5.63 13.63 -20.71
N LEU A 227 4.81 13.48 -19.67
CA LEU A 227 3.57 14.24 -19.58
C LEU A 227 3.83 15.75 -19.63
N HIS A 228 4.81 16.24 -18.87
CA HIS A 228 5.20 17.65 -18.87
C HIS A 228 5.53 18.11 -20.30
N ALA A 229 6.37 17.34 -20.98
CA ALA A 229 6.78 17.66 -22.35
C ALA A 229 5.62 17.60 -23.33
N ALA A 230 4.74 16.61 -23.18
CA ALA A 230 3.57 16.47 -24.05
C ALA A 230 2.61 17.64 -23.88
N VAL A 231 2.40 18.07 -22.63
CA VAL A 231 1.50 19.20 -22.37
C VAL A 231 2.07 20.48 -22.97
N GLU A 232 3.38 20.70 -22.82
CA GLU A 232 4.05 21.82 -23.46
C GLU A 232 3.90 21.82 -24.99
N LEU A 233 4.02 20.62 -25.59
CA LEU A 233 3.85 20.46 -27.03
C LEU A 233 2.40 20.73 -27.41
N ALA A 234 1.48 20.21 -26.61
CA ALA A 234 0.05 20.38 -26.87
C ALA A 234 -0.36 21.85 -26.87
N GLU A 235 0.11 22.59 -25.86
CA GLU A 235 -0.14 24.02 -25.76
C GLU A 235 0.47 24.83 -26.92
N ALA A 236 1.65 24.44 -27.37
CA ALA A 236 2.34 25.17 -28.44
C ALA A 236 1.76 24.88 -29.83
N ARG A 237 1.21 23.68 -30.01
CA ARG A 237 0.74 23.25 -31.32
CA ARG A 237 0.74 23.23 -31.33
C ARG A 237 -0.78 23.12 -31.45
N GLY A 238 -1.49 23.26 -30.33
CA GLY A 238 -2.95 23.06 -30.33
C GLY A 238 -3.39 21.61 -30.48
N LEU A 239 -2.50 20.68 -30.16
CA LEU A 239 -2.80 19.25 -30.21
C LEU A 239 -3.61 18.87 -28.98
N PRO A 240 -4.64 18.03 -29.16
CA PRO A 240 -5.42 17.64 -28.00
C PRO A 240 -4.73 16.52 -27.17
N VAL A 241 -4.82 16.63 -25.85
CA VAL A 241 -4.38 15.58 -24.94
C VAL A 241 -5.56 14.72 -24.51
N VAL A 242 -5.27 13.49 -24.14
CA VAL A 242 -6.28 12.55 -23.65
C VAL A 242 -5.69 11.73 -22.51
N ALA A 243 -6.45 11.58 -21.42
CA ALA A 243 -6.07 10.71 -20.30
C ALA A 243 -6.51 9.28 -20.58
N THR A 244 -5.60 8.33 -20.34
CA THR A 244 -6.00 6.93 -20.26
C THR A 244 -5.31 6.34 -19.04
N ASN A 245 -5.69 5.12 -18.68
CA ASN A 245 -5.05 4.45 -17.56
C ASN A 245 -4.37 3.15 -17.97
N ASP A 246 -4.28 2.91 -19.28
CA ASP A 246 -3.56 1.77 -19.81
C ASP A 246 -3.97 0.51 -19.02
N VAL A 247 -5.26 0.22 -18.99
CA VAL A 247 -5.82 -0.79 -18.10
C VAL A 247 -5.41 -2.21 -18.53
N ARG A 248 -4.85 -2.97 -17.60
CA ARG A 248 -4.39 -4.34 -17.87
C ARG A 248 -5.09 -5.42 -17.05
N PHE A 249 -5.78 -4.99 -15.99
CA PHE A 249 -6.51 -5.90 -15.10
C PHE A 249 -7.63 -5.12 -14.41
N ILE A 250 -8.55 -5.83 -13.76
CA ILE A 250 -9.79 -5.18 -13.32
C ILE A 250 -9.63 -4.38 -12.02
N ASP A 251 -9.11 -5.02 -10.99
CA ASP A 251 -8.90 -4.39 -9.70
C ASP A 251 -7.41 -4.37 -9.39
N SER A 252 -6.98 -3.45 -8.53
CA SER A 252 -5.56 -3.33 -8.19
C SER A 252 -4.99 -4.62 -7.57
N SER A 253 -5.83 -5.36 -6.84
CA SER A 253 -5.45 -6.63 -6.25
C SER A 253 -5.18 -7.74 -7.28
N ASP A 254 -5.52 -7.49 -8.55
CA ASP A 254 -5.25 -8.43 -9.64
C ASP A 254 -3.82 -8.35 -10.16
N PHE A 255 -3.04 -7.38 -9.65
CA PHE A 255 -1.69 -7.10 -10.16
C PHE A 255 -0.76 -8.31 -10.02
N ASP A 256 -0.82 -8.95 -8.86
CA ASP A 256 -0.03 -10.15 -8.57
C ASP A 256 -0.18 -11.23 -9.64
N ALA A 257 -1.42 -11.61 -9.93
CA ALA A 257 -1.71 -12.61 -10.96
C ALA A 257 -1.24 -12.19 -12.37
N HIS A 258 -1.35 -10.89 -12.69
CA HIS A 258 -0.91 -10.37 -14.00
C HIS A 258 0.59 -10.56 -14.21
N GLU A 259 1.38 -10.13 -13.23
CA GLU A 259 2.83 -10.23 -13.27
C GLU A 259 3.29 -11.67 -13.52
N ILE A 260 2.58 -12.62 -12.93
CA ILE A 260 2.92 -14.02 -13.03
C ILE A 260 2.52 -14.63 -14.39
N ARG A 261 1.37 -14.24 -14.92
CA ARG A 261 0.94 -14.68 -16.26
C ARG A 261 1.94 -14.24 -17.35
N VAL A 262 2.42 -13.00 -17.23
CA VAL A 262 3.42 -12.42 -18.13
C VAL A 262 4.75 -13.20 -18.10
N ALA A 263 5.23 -13.53 -16.90
CA ALA A 263 6.46 -14.30 -16.71
C ALA A 263 6.42 -15.69 -17.37
N ILE A 264 5.37 -16.46 -17.09
CA ILE A 264 5.13 -17.77 -17.74
C ILE A 264 5.30 -17.72 -19.27
N HIS A 265 4.63 -16.77 -19.92
CA HIS A 265 4.75 -16.57 -21.37
C HIS A 265 6.14 -16.08 -21.79
N ASP A 266 6.75 -15.19 -21.00
CA ASP A 266 8.06 -14.62 -21.29
C ASP A 266 9.22 -15.61 -21.12
N GLY A 267 9.09 -16.54 -20.18
CA GLY A 267 10.11 -17.55 -19.94
C GLY A 267 11.16 -17.17 -18.90
N PHE A 268 10.80 -16.30 -17.96
CA PHE A 268 11.70 -15.88 -16.90
C PHE A 268 11.37 -16.55 -15.58
N PRO A 276 12.12 -7.86 -15.46
N PRO A 276 12.02 -8.03 -17.82
CA PRO A 276 11.51 -6.81 -16.27
CA PRO A 276 11.62 -6.63 -17.87
C PRO A 276 10.14 -6.42 -15.71
C PRO A 276 10.39 -6.34 -17.01
N ARG A 277 10.04 -5.21 -15.18
N ARG A 277 10.52 -5.36 -16.12
CA ARG A 277 8.82 -4.71 -14.54
CA ARG A 277 9.42 -4.93 -15.27
C ARG A 277 8.10 -3.67 -15.43
C ARG A 277 8.66 -3.82 -15.98
N ASN A 278 7.48 -4.14 -16.50
CA ASN A 278 6.78 -3.22 -17.43
C ASN A 278 5.43 -2.69 -16.95
N TYR A 279 4.94 -3.24 -15.84
CA TYR A 279 3.58 -2.97 -15.38
C TYR A 279 3.54 -2.50 -13.94
N SER A 280 2.51 -1.72 -13.64
CA SER A 280 2.29 -1.15 -12.32
C SER A 280 0.92 -1.57 -11.75
N PRO A 281 0.82 -1.65 -10.41
CA PRO A 281 -0.44 -1.96 -9.73
C PRO A 281 -1.51 -0.90 -9.94
N GLN A 282 -1.15 0.25 -10.51
CA GLN A 282 -2.10 1.31 -10.77
C GLN A 282 -2.87 1.10 -12.08
N GLN A 283 -2.49 0.08 -12.85
CA GLN A 283 -3.09 -0.15 -14.17
C GLN A 283 -4.39 -0.97 -14.12
N TYR A 284 -5.21 -0.70 -13.09
CA TYR A 284 -6.52 -1.31 -12.97
C TYR A 284 -7.59 -0.40 -13.56
N MET A 285 -8.84 -0.86 -13.54
CA MET A 285 -9.93 -0.07 -14.07
C MET A 285 -10.38 0.96 -13.03
N ARG A 286 -9.70 2.11 -13.01
CA ARG A 286 -9.98 3.17 -12.04
C ARG A 286 -11.36 3.73 -12.29
N SER A 287 -12.04 4.15 -11.22
CA SER A 287 -13.34 4.77 -11.36
C SER A 287 -13.22 6.15 -12.02
N GLU A 288 -14.35 6.69 -12.48
CA GLU A 288 -14.40 8.05 -13.00
C GLU A 288 -13.96 9.07 -11.95
N GLU A 289 -14.38 8.87 -10.71
CA GLU A 289 -14.00 9.76 -9.61
C GLU A 289 -12.48 9.75 -9.41
N GLU A 290 -11.90 8.54 -9.45
CA GLU A 290 -10.46 8.36 -9.30
C GLU A 290 -9.69 9.05 -10.42
N MET A 291 -10.14 8.87 -11.67
CA MET A 291 -9.50 9.49 -12.82
C MET A 291 -9.63 11.02 -12.79
N CYS A 292 -10.79 11.52 -12.38
CA CYS A 292 -11.00 12.97 -12.28
C CYS A 292 -10.07 13.65 -11.27
N GLU A 293 -9.85 12.99 -10.13
CA GLU A 293 -8.92 13.46 -9.09
C GLU A 293 -7.48 13.38 -9.61
N LEU A 294 -7.18 12.30 -10.33
CA LEU A 294 -5.84 12.06 -10.87
C LEU A 294 -5.41 13.10 -11.90
N PHE A 295 -6.38 13.59 -12.69
CA PHE A 295 -6.10 14.58 -13.74
C PHE A 295 -6.79 15.94 -13.51
N ALA A 296 -7.04 16.26 -12.24
CA ALA A 296 -7.71 17.50 -11.85
C ALA A 296 -7.01 18.73 -12.43
N ASP A 297 -5.68 18.64 -12.57
CA ASP A 297 -4.86 19.73 -13.11
C ASP A 297 -4.92 19.85 -14.63
N ILE A 298 -5.45 18.83 -15.31
CA ILE A 298 -5.56 18.79 -16.78
C ILE A 298 -6.97 18.33 -17.19
N PRO A 299 -8.01 19.16 -16.88
CA PRO A 299 -9.38 18.71 -17.17
C PRO A 299 -9.66 18.46 -18.66
N GLU A 300 -8.93 19.13 -19.53
CA GLU A 300 -9.03 18.86 -20.98
C GLU A 300 -8.74 17.39 -21.33
N ALA A 301 -7.80 16.77 -20.61
CA ALA A 301 -7.44 15.37 -20.86
C ALA A 301 -8.61 14.43 -20.56
N LEU A 302 -9.43 14.82 -19.58
CA LEU A 302 -10.63 14.08 -19.23
C LEU A 302 -11.76 14.36 -20.24
N ALA A 303 -11.93 15.63 -20.59
CA ALA A 303 -13.00 16.06 -21.50
C ALA A 303 -12.85 15.40 -22.86
N ASN A 304 -11.60 15.24 -23.31
CA ASN A 304 -11.37 14.58 -24.60
C ASN A 304 -11.76 13.12 -24.60
N THR A 305 -11.70 12.43 -23.46
CA THR A 305 -12.19 11.05 -23.44
C THR A 305 -13.69 10.95 -23.77
N VAL A 306 -14.45 11.91 -23.25
CA VAL A 306 -15.91 11.89 -23.39
C VAL A 306 -16.27 12.26 -24.81
N GLU A 307 -15.55 13.23 -25.36
CA GLU A 307 -15.77 13.62 -26.76
C GLU A 307 -15.40 12.50 -27.71
N ILE A 308 -14.25 11.87 -27.48
CA ILE A 308 -13.88 10.70 -28.30
C ILE A 308 -14.95 9.60 -28.19
N ALA A 309 -15.45 9.36 -26.99
CA ALA A 309 -16.49 8.34 -26.77
C ALA A 309 -17.76 8.63 -27.61
N LYS A 310 -18.16 9.90 -27.67
CA LYS A 310 -19.30 10.31 -28.50
C LYS A 310 -19.01 10.13 -29.98
N ARG A 311 -17.74 10.27 -30.36
CA ARG A 311 -17.35 10.21 -31.78
C ARG A 311 -17.19 8.77 -32.29
N CYS A 312 -17.14 7.80 -31.38
CA CYS A 312 -16.91 6.40 -31.77
C CYS A 312 -18.23 5.63 -31.86
N ASN A 313 -18.71 5.43 -33.09
CA ASN A 313 -20.01 4.83 -33.33
C ASN A 313 -19.94 3.74 -34.38
N VAL A 314 -19.56 2.54 -33.94
CA VAL A 314 -19.49 1.37 -34.81
C VAL A 314 -20.71 0.51 -34.47
N THR A 315 -21.48 0.17 -35.49
CA THR A 315 -22.70 -0.62 -35.31
C THR A 315 -22.51 -2.05 -35.80
N LYS B 4 38.58 -4.48 -31.56
CA LYS B 4 38.19 -3.10 -31.96
C LYS B 4 38.12 -2.11 -30.78
N LEU B 5 37.65 -2.57 -29.61
CA LEU B 5 37.51 -1.67 -28.45
C LEU B 5 38.82 -1.45 -27.70
N ARG B 6 39.11 -0.18 -27.42
CA ARG B 6 40.36 0.23 -26.78
C ARG B 6 40.35 -0.03 -25.27
N VAL B 7 41.42 -0.67 -24.77
CA VAL B 7 41.71 -0.63 -23.33
C VAL B 7 42.86 0.37 -23.16
N VAL B 8 42.68 1.34 -22.25
CA VAL B 8 43.73 2.33 -21.95
C VAL B 8 44.56 1.82 -20.78
N PHE B 9 45.72 1.27 -21.09
CA PHE B 9 46.57 0.70 -20.04
C PHE B 9 47.27 1.76 -19.22
N ALA B 10 47.36 1.53 -17.91
CA ALA B 10 48.20 2.35 -17.04
C ALA B 10 49.64 2.30 -17.55
N THR B 11 50.31 3.46 -17.60
CA THR B 11 51.69 3.53 -18.08
C THR B 11 52.61 2.98 -17.00
N ASP B 12 53.88 2.77 -17.34
CA ASP B 12 54.88 2.36 -16.36
C ASP B 12 54.92 3.33 -15.19
N GLU B 13 54.80 4.63 -15.49
CA GLU B 13 54.81 5.65 -14.44
C GLU B 13 53.61 5.53 -13.50
N GLU B 14 52.44 5.27 -14.08
CA GLU B 14 51.21 5.14 -13.31
C GLU B 14 51.23 3.85 -12.47
N ILE B 15 51.78 2.79 -13.06
CA ILE B 15 51.98 1.52 -12.31
C ILE B 15 52.88 1.75 -11.09
N ALA B 16 53.94 2.54 -11.25
CA ALA B 16 54.81 2.91 -10.12
C ALA B 16 54.03 3.65 -9.03
N ALA B 17 53.17 4.58 -9.45
CA ALA B 17 52.34 5.32 -8.51
C ALA B 17 51.34 4.42 -7.78
N HIS B 18 50.78 3.45 -8.52
CA HIS B 18 49.83 2.46 -8.01
C HIS B 18 50.50 1.59 -6.96
N GLU B 19 51.71 1.09 -7.28
CA GLU B 19 52.46 0.25 -6.34
C GLU B 19 52.76 1.01 -5.05
N ALA B 20 53.20 2.25 -5.19
CA ALA B 20 53.46 3.13 -4.05
C ALA B 20 52.17 3.41 -3.24
N ARG B 21 51.06 3.54 -3.94
CA ARG B 21 49.77 3.84 -3.29
C ARG B 21 49.28 2.63 -2.50
N LEU B 22 49.45 1.44 -3.07
CA LEU B 22 49.18 0.22 -2.31
C LEU B 22 50.12 0.06 -1.10
N ASP B 23 51.39 0.44 -1.28
CA ASP B 23 52.34 0.40 -0.16
C ASP B 23 51.82 1.26 0.99
N LEU B 24 51.28 2.43 0.63
CA LEU B 24 50.68 3.32 1.64
C LEU B 24 49.48 2.67 2.36
N VAL B 25 48.58 2.01 1.62
CA VAL B 25 47.47 1.25 2.21
C VAL B 25 47.99 0.23 3.25
N GLN B 26 48.99 -0.53 2.83
CA GLN B 26 49.50 -1.61 3.64
C GLN B 26 50.29 -1.12 4.87
N LYS B 27 51.11 -0.07 4.71
CA LYS B 27 51.86 0.51 5.82
C LYS B 27 50.97 1.22 6.87
N LYS B 28 49.81 1.68 6.44
CA LYS B 28 48.92 2.38 7.37
C LYS B 28 47.90 1.47 8.04
N GLY B 29 47.46 0.46 7.30
CA GLY B 29 46.37 -0.40 7.74
C GLY B 29 46.73 -1.83 8.09
N GLY B 30 47.92 -2.27 7.68
CA GLY B 30 48.41 -3.59 8.04
C GLY B 30 47.96 -4.74 7.14
N SER B 31 47.35 -4.40 6.02
CA SER B 31 46.94 -5.38 5.01
C SER B 31 46.65 -4.69 3.68
N CYS B 32 46.54 -5.46 2.60
CA CYS B 32 46.19 -4.89 1.31
C CYS B 32 45.49 -5.97 0.49
N LEU B 33 44.21 -5.76 0.18
CA LEU B 33 43.43 -6.78 -0.53
C LEU B 33 43.96 -7.08 -1.92
N TRP B 34 44.51 -6.07 -2.58
CA TRP B 34 45.09 -6.28 -3.92
C TRP B 34 46.23 -7.30 -3.86
N ARG B 35 46.93 -7.34 -2.73
CA ARG B 35 48.09 -8.23 -2.50
C ARG B 35 47.80 -9.45 -1.60
N ALA B 36 46.53 -9.69 -1.32
CA ALA B 36 46.16 -10.74 -0.38
C ALA B 36 46.21 -12.11 -1.05
N THR B 37 46.69 -13.12 -0.31
CA THR B 37 46.69 -14.50 -0.80
C THR B 37 45.63 -15.30 -0.04
N ARG B 38 44.70 -15.91 -0.76
CA ARG B 38 43.71 -16.82 -0.16
C ARG B 38 44.34 -17.92 0.71
N GLU B 39 43.63 -18.29 1.77
CA GLU B 39 44.11 -19.37 2.64
C GLU B 39 44.26 -20.62 1.78
N SER B 40 45.39 -21.28 1.93
CA SER B 40 45.74 -22.51 1.20
C SER B 40 46.11 -22.24 -0.27
N GLY B 41 46.24 -20.96 -0.60
CA GLY B 41 46.64 -20.51 -1.94
C GLY B 41 48.15 -20.31 -2.00
N SER B 42 48.63 -19.70 -3.07
CA SER B 42 50.06 -19.40 -3.22
C SER B 42 50.25 -18.01 -3.82
N ILE B 43 51.41 -17.41 -3.54
CA ILE B 43 51.73 -16.11 -4.09
C ILE B 43 51.67 -16.19 -5.62
N GLY B 44 52.25 -17.25 -6.17
CA GLY B 44 52.31 -17.46 -7.60
C GLY B 44 50.99 -17.48 -8.34
N SER B 45 49.93 -17.95 -7.67
CA SER B 45 48.62 -18.11 -8.29
C SER B 45 47.63 -16.99 -7.94
N MET B 46 48.13 -15.93 -7.30
CA MET B 46 47.29 -14.74 -7.05
C MET B 46 46.82 -14.15 -8.36
N SER B 47 45.65 -13.54 -8.34
CA SER B 47 45.08 -12.95 -9.55
C SER B 47 44.71 -11.49 -9.37
N GLU B 48 44.69 -10.78 -10.49
CA GLU B 48 44.31 -9.38 -10.51
C GLU B 48 42.80 -9.23 -10.45
N PRO B 49 42.31 -8.12 -9.88
CA PRO B 49 40.87 -7.88 -9.93
C PRO B 49 40.41 -7.77 -11.38
N ARG B 50 39.16 -8.15 -11.61
CA ARG B 50 38.58 -8.15 -12.94
CA ARG B 50 38.57 -8.15 -12.94
C ARG B 50 37.66 -6.94 -13.11
N PHE B 51 37.22 -6.38 -12.00
CA PHE B 51 36.30 -5.24 -12.00
C PHE B 51 36.43 -4.41 -10.72
N VAL B 52 36.37 -3.10 -10.90
CA VAL B 52 36.39 -2.16 -9.78
C VAL B 52 35.20 -1.20 -9.94
N HIS B 53 34.44 -1.00 -8.86
CA HIS B 53 33.35 0.02 -8.84
C HIS B 53 33.92 1.45 -8.83
N LEU B 54 33.56 2.24 -9.85
CA LEU B 54 34.10 3.59 -10.03
C LEU B 54 33.04 4.68 -9.86
N ARG B 55 31.79 4.28 -9.64
CA ARG B 55 30.69 5.23 -9.43
C ARG B 55 29.80 4.67 -8.33
N VAL B 56 29.86 5.31 -7.17
CA VAL B 56 29.27 4.77 -5.94
C VAL B 56 28.87 5.95 -5.06
N HIS B 57 27.61 5.97 -4.62
CA HIS B 57 27.12 7.03 -3.74
C HIS B 57 26.78 6.47 -2.37
N SER B 58 27.08 7.25 -1.33
CA SER B 58 26.56 7.00 0.00
C SER B 58 25.03 7.29 0.03
N ASP B 59 24.33 6.77 1.03
CA ASP B 59 22.87 6.84 1.07
C ASP B 59 22.27 8.24 0.97
N TYR B 60 22.97 9.23 1.51
CA TYR B 60 22.43 10.58 1.61
C TYR B 60 23.04 11.56 0.61
N SER B 61 23.79 11.02 -0.36
CA SER B 61 24.54 11.82 -1.35
C SER B 61 23.76 12.98 -2.00
N MET B 62 22.57 12.69 -2.51
CA MET B 62 21.77 13.67 -3.27
C MET B 62 20.88 14.51 -2.37
N ILE B 63 20.66 14.03 -1.14
CA ILE B 63 19.63 14.60 -0.27
C ILE B 63 20.28 15.19 0.99
N ASP B 64 19.50 15.44 2.03
CA ASP B 64 20.02 15.97 3.28
C ASP B 64 20.48 14.84 4.18
N GLY B 65 21.63 15.01 4.81
CA GLY B 65 22.11 14.05 5.79
C GLY B 65 23.61 13.79 5.73
N PRO B 66 24.11 12.98 6.68
CA PRO B 66 25.53 12.64 6.81
C PRO B 66 26.05 11.77 5.66
N ALA B 67 27.34 11.87 5.37
CA ALA B 67 27.99 11.02 4.39
C ALA B 67 28.65 9.85 5.11
N LYS B 68 27.96 8.71 5.15
CA LYS B 68 28.46 7.52 5.82
C LYS B 68 29.01 6.51 4.82
N THR B 69 30.31 6.33 4.90
CA THR B 69 31.08 5.53 3.96
C THR B 69 31.42 4.14 4.55
N ALA B 70 31.39 4.03 5.88
CA ALA B 70 31.65 2.75 6.58
C ALA B 70 30.90 1.54 6.01
N PRO B 71 29.57 1.67 5.76
CA PRO B 71 28.87 0.53 5.17
C PRO B 71 29.38 0.14 3.77
N LEU B 72 29.83 1.12 2.97
CA LEU B 72 30.32 0.82 1.62
C LEU B 72 31.66 0.09 1.66
N VAL B 73 32.54 0.54 2.58
CA VAL B 73 33.84 -0.09 2.77
C VAL B 73 33.68 -1.52 3.30
N LYS B 74 32.79 -1.69 4.28
CA LYS B 74 32.51 -3.01 4.88
C LYS B 74 32.03 -4.02 3.83
N LYS B 75 31.13 -3.58 2.95
CA LYS B 75 30.63 -4.44 1.89
C LYS B 75 31.72 -4.74 0.85
N ALA B 76 32.48 -3.73 0.45
CA ALA B 76 33.57 -3.93 -0.50
C ALA B 76 34.59 -4.94 0.04
N ALA B 77 34.94 -4.80 1.32
CA ALA B 77 35.87 -5.73 1.98
C ALA B 77 35.29 -7.16 1.97
N ALA B 78 34.01 -7.28 2.31
CA ALA B 78 33.33 -8.58 2.31
C ALA B 78 33.28 -9.23 0.92
N LEU B 79 33.24 -8.41 -0.14
CA LEU B 79 33.25 -8.91 -1.52
C LEU B 79 34.68 -9.13 -2.06
N GLY B 80 35.68 -8.83 -1.23
CA GLY B 80 37.08 -8.98 -1.61
C GLY B 80 37.54 -7.97 -2.63
N MET B 81 36.88 -6.83 -2.69
CA MET B 81 37.23 -5.78 -3.65
C MET B 81 38.45 -4.96 -3.22
N PRO B 82 39.50 -4.92 -4.05
CA PRO B 82 40.72 -4.29 -3.57
C PRO B 82 40.77 -2.76 -3.78
N ALA B 83 39.76 -2.21 -4.45
CA ALA B 83 39.70 -0.77 -4.66
C ALA B 83 38.24 -0.37 -4.77
N LEU B 84 37.95 0.88 -4.45
CA LEU B 84 36.58 1.39 -4.50
C LEU B 84 36.64 2.90 -4.63
N ALA B 85 35.82 3.46 -5.54
CA ALA B 85 35.63 4.91 -5.58
C ALA B 85 34.39 5.27 -4.78
N ILE B 86 34.41 6.43 -4.12
CA ILE B 86 33.16 7.04 -3.66
C ILE B 86 33.00 8.34 -4.46
N THR B 87 31.85 8.49 -5.09
CA THR B 87 31.63 9.61 -6.00
C THR B 87 30.31 10.30 -5.64
N ASP B 88 30.29 10.96 -4.49
CA ASP B 88 29.07 11.62 -4.03
C ASP B 88 28.78 12.89 -4.81
N PHE B 89 27.55 13.37 -4.70
CA PHE B 89 27.15 14.46 -5.56
C PHE B 89 27.73 15.82 -5.18
N THR B 90 28.64 16.31 -6.03
CA THR B 90 29.24 17.66 -5.90
C THR B 90 29.71 17.89 -4.46
N ASN B 91 30.32 16.86 -3.91
CA ASN B 91 30.85 16.94 -2.55
C ASN B 91 31.86 15.87 -2.26
N LEU B 92 32.74 16.16 -1.30
CA LEU B 92 33.76 15.24 -0.82
C LEU B 92 33.65 15.00 0.70
N CYS B 93 32.44 15.13 1.24
CA CYS B 93 32.19 15.00 2.69
C CYS B 93 32.84 13.78 3.31
N GLY B 94 32.64 12.61 2.70
CA GLY B 94 33.04 11.35 3.30
C GLY B 94 34.50 10.98 3.11
N LEU B 95 35.25 11.83 2.39
CA LEU B 95 36.59 11.47 1.92
C LEU B 95 37.55 11.13 3.04
N VAL B 96 37.62 11.98 4.06
CA VAL B 96 38.58 11.79 5.16
C VAL B 96 38.31 10.47 5.86
N LYS B 97 37.05 10.23 6.18
CA LYS B 97 36.65 8.97 6.82
C LYS B 97 36.84 7.75 5.89
N PHE B 98 36.47 7.91 4.62
CA PHE B 98 36.61 6.86 3.59
C PHE B 98 38.06 6.46 3.42
N TYR B 99 38.93 7.46 3.38
CA TYR B 99 40.35 7.26 3.23
C TYR B 99 40.87 6.40 4.38
N GLY B 100 40.46 6.76 5.60
CA GLY B 100 40.88 6.01 6.78
C GLY B 100 40.30 4.61 6.83
N ALA B 101 39.01 4.48 6.52
CA ALA B 101 38.34 3.17 6.62
C ALA B 101 38.87 2.23 5.53
N GLY B 102 39.11 2.80 4.36
CA GLY B 102 39.72 2.09 3.24
C GLY B 102 41.03 1.47 3.69
N HIS B 103 41.93 2.30 4.19
CA HIS B 103 43.18 1.81 4.79
C HIS B 103 42.99 0.74 5.86
N GLY B 104 42.03 0.93 6.77
CA GLY B 104 41.75 -0.06 7.82
C GLY B 104 41.39 -1.41 7.24
N ALA B 105 40.76 -1.38 6.09
CA ALA B 105 40.26 -2.59 5.42
C ALA B 105 41.18 -3.12 4.33
N GLY B 106 42.31 -2.45 4.09
CA GLY B 106 43.22 -2.87 3.01
C GLY B 106 42.71 -2.58 1.61
N ILE B 107 41.82 -1.59 1.51
CA ILE B 107 41.25 -1.16 0.25
C ILE B 107 41.87 0.15 -0.22
N LYS B 108 42.17 0.20 -1.51
CA LYS B 108 42.69 1.41 -2.15
C LYS B 108 41.51 2.36 -2.38
N PRO B 109 41.47 3.48 -1.64
CA PRO B 109 40.36 4.43 -1.84
C PRO B 109 40.59 5.31 -3.06
N ILE B 110 39.56 5.43 -3.88
CA ILE B 110 39.60 6.27 -5.06
C ILE B 110 38.67 7.47 -4.81
N VAL B 111 39.16 8.67 -5.15
CA VAL B 111 38.53 9.94 -4.84
C VAL B 111 37.83 10.45 -6.10
N GLY B 112 36.55 10.79 -6.00
CA GLY B 112 35.85 11.38 -7.15
C GLY B 112 34.58 12.07 -6.69
N ALA B 113 33.79 12.61 -7.62
CA ALA B 113 32.47 13.21 -7.33
C ALA B 113 31.64 13.23 -8.59
N ASP B 114 30.32 13.15 -8.42
CA ASP B 114 29.38 13.29 -9.54
C ASP B 114 28.89 14.72 -9.68
N PHE B 115 28.62 15.15 -10.91
CA PHE B 115 28.20 16.52 -11.19
C PHE B 115 27.04 16.57 -12.15
N ASN B 116 26.27 17.64 -12.04
CA ASN B 116 25.37 18.07 -13.11
C ASN B 116 26.11 19.14 -13.90
N VAL B 117 26.14 18.99 -15.23
CA VAL B 117 26.91 19.87 -16.12
C VAL B 117 25.99 20.58 -17.11
N GLN B 118 26.28 21.85 -17.36
CA GLN B 118 25.64 22.59 -18.45
C GLN B 118 26.71 23.06 -19.45
N CYS B 119 26.33 23.10 -20.72
CA CYS B 119 27.24 23.53 -21.76
CA CYS B 119 27.24 23.48 -21.79
C CYS B 119 26.49 24.28 -22.86
N ASP B 120 27.21 25.14 -23.56
CA ASP B 120 26.61 25.95 -24.64
C ASP B 120 25.83 25.10 -25.66
N LEU B 121 26.43 23.98 -26.08
CA LEU B 121 25.83 23.04 -27.05
C LEU B 121 24.44 22.54 -26.70
N LEU B 122 24.22 22.15 -25.44
CA LEU B 122 22.93 21.58 -25.04
C LEU B 122 21.97 22.56 -24.37
N GLY B 123 22.37 23.83 -24.30
CA GLY B 123 21.53 24.89 -23.76
C GLY B 123 21.31 24.82 -22.26
N ASP B 124 20.06 24.62 -21.86
CA ASP B 124 19.67 24.63 -20.44
C ASP B 124 19.77 23.24 -19.79
N GLU B 125 19.76 22.21 -20.62
CA GLU B 125 19.75 20.81 -20.17
C GLU B 125 20.95 20.45 -19.28
N LEU B 126 20.67 19.79 -18.17
CA LEU B 126 21.75 19.34 -17.28
C LEU B 126 22.11 17.89 -17.57
N THR B 127 23.41 17.63 -17.65
CA THR B 127 23.90 16.30 -17.97
C THR B 127 24.81 15.78 -16.87
N HIS B 128 24.91 14.46 -16.75
CA HIS B 128 25.72 13.85 -15.72
C HIS B 128 27.19 13.71 -16.13
N LEU B 129 28.08 13.86 -15.17
CA LEU B 129 29.50 13.55 -15.40
C LEU B 129 30.09 13.09 -14.09
N THR B 130 30.91 12.05 -14.14
CA THR B 130 31.67 11.61 -12.96
C THR B 130 33.12 12.03 -13.14
N VAL B 131 33.68 12.71 -12.13
CA VAL B 131 35.06 13.19 -12.17
C VAL B 131 35.88 12.46 -11.11
N LEU B 132 36.90 11.74 -11.57
CA LEU B 132 37.78 10.99 -10.66
C LEU B 132 39.11 11.72 -10.55
N ALA B 133 39.65 11.75 -9.33
CA ALA B 133 40.96 12.36 -9.13
C ALA B 133 42.05 11.31 -9.31
N ALA B 134 42.89 11.48 -10.34
CA ALA B 134 43.94 10.51 -10.65
C ALA B 134 45.19 10.72 -9.81
N ASN B 135 45.39 11.94 -9.33
CA ASN B 135 46.58 12.27 -8.55
C ASN B 135 46.27 13.46 -7.65
N ASN B 136 47.23 13.90 -6.85
CA ASN B 136 46.90 14.98 -5.92
C ASN B 136 46.58 16.33 -6.58
N THR B 137 47.11 16.58 -7.78
CA THR B 137 46.72 17.76 -8.52
C THR B 137 45.25 17.65 -8.91
N GLY B 138 44.85 16.48 -9.40
CA GLY B 138 43.45 16.19 -9.72
C GLY B 138 42.54 16.40 -8.53
N TYR B 139 43.00 15.98 -7.36
CA TYR B 139 42.23 16.18 -6.12
C TYR B 139 42.06 17.67 -5.79
N GLN B 140 43.13 18.46 -5.96
CA GLN B 140 43.05 19.88 -5.75
C GLN B 140 42.11 20.51 -6.77
N ASN B 141 42.17 20.04 -8.02
CA ASN B 141 41.29 20.58 -9.05
C ASN B 141 39.82 20.19 -8.87
N LEU B 142 39.59 18.97 -8.36
CA LEU B 142 38.24 18.52 -8.06
C LEU B 142 37.62 19.39 -6.98
N THR B 143 38.41 19.67 -5.95
CA THR B 143 38.03 20.56 -4.86
C THR B 143 37.67 21.97 -5.36
N LEU B 144 38.47 22.49 -6.30
CA LEU B 144 38.20 23.79 -6.90
C LEU B 144 36.92 23.81 -7.72
N LEU B 145 36.66 22.72 -8.45
CA LEU B 145 35.47 22.56 -9.28
C LEU B 145 34.21 22.58 -8.42
N ILE B 146 34.25 21.89 -7.30
CA ILE B 146 33.15 21.92 -6.33
C ILE B 146 32.95 23.33 -5.76
N SER B 147 34.05 23.97 -5.37
CA SER B 147 33.99 25.35 -4.86
CA SER B 147 33.98 25.34 -4.86
C SER B 147 33.35 26.31 -5.87
N LYS B 148 33.75 26.21 -7.14
CA LYS B 148 33.22 27.07 -8.20
CA LYS B 148 33.22 27.09 -8.17
C LYS B 148 31.71 26.89 -8.38
N ALA B 149 31.25 25.63 -8.32
CA ALA B 149 29.81 25.34 -8.48
C ALA B 149 28.97 26.00 -7.37
N TYR B 150 29.48 25.96 -6.14
CA TYR B 150 28.81 26.60 -5.02
C TYR B 150 28.89 28.12 -5.02
N GLN B 151 30.06 28.65 -5.36
CA GLN B 151 30.32 30.08 -5.37
CA GLN B 151 30.31 30.08 -5.33
C GLN B 151 29.39 30.88 -6.27
N ARG B 152 29.04 30.33 -7.43
N ARG B 152 29.09 30.26 -7.42
CA ARG B 152 28.15 31.09 -8.31
CA ARG B 152 28.16 30.81 -8.41
C ARG B 152 26.68 30.96 -7.89
C ARG B 152 26.75 30.97 -7.86
N GLY B 153 26.42 30.17 -6.84
CA GLY B 153 25.07 30.07 -6.30
C GLY B 153 24.24 29.07 -7.09
N TYR B 154 23.08 28.72 -6.54
CA TYR B 154 22.17 27.77 -7.18
C TYR B 154 20.77 27.91 -6.58
N GLY B 155 19.79 27.35 -7.28
CA GLY B 155 18.41 27.34 -6.81
C GLY B 155 17.89 25.93 -6.75
N ALA B 156 16.62 25.76 -7.13
CA ALA B 156 15.95 24.45 -7.15
C ALA B 156 16.76 23.38 -7.89
N ALA B 157 17.48 23.78 -8.93
CA ALA B 157 18.26 22.84 -9.74
C ALA B 157 19.48 22.26 -8.99
N GLY B 158 19.97 22.98 -7.98
CA GLY B 158 21.15 22.56 -7.22
C GLY B 158 22.44 23.03 -7.87
N PRO B 159 23.60 22.74 -7.25
CA PRO B 159 24.89 23.20 -7.79
C PRO B 159 25.23 22.54 -9.14
N ILE B 160 25.72 23.36 -10.07
CA ILE B 160 25.99 22.96 -11.44
C ILE B 160 27.41 23.39 -11.82
N ILE B 161 28.12 22.61 -12.64
CA ILE B 161 29.36 23.10 -13.25
C ILE B 161 29.12 23.44 -14.72
N ASP B 162 29.80 24.47 -15.23
CA ASP B 162 29.90 24.69 -16.69
C ASP B 162 30.97 23.73 -17.26
N ARG B 163 30.67 23.07 -18.37
CA ARG B 163 31.63 22.18 -19.02
C ARG B 163 32.96 22.87 -19.27
N ASP B 164 32.92 24.14 -19.67
CA ASP B 164 34.15 24.84 -20.03
C ASP B 164 35.08 25.08 -18.84
N TRP B 165 34.57 24.98 -17.61
CA TRP B 165 35.45 25.08 -16.44
C TRP B 165 36.45 23.95 -16.40
N LEU B 166 36.14 22.86 -17.10
CA LEU B 166 37.02 21.69 -17.11
C LEU B 166 38.29 21.96 -17.89
N ILE B 167 38.25 22.93 -18.82
CA ILE B 167 39.45 23.29 -19.59
C ILE B 167 40.62 23.70 -18.66
N GLU B 168 40.40 24.70 -17.81
CA GLU B 168 41.43 25.18 -16.90
C GLU B 168 41.74 24.19 -15.79
N LEU B 169 40.75 23.38 -15.43
CA LEU B 169 40.91 22.47 -14.29
C LEU B 169 41.16 21.01 -14.70
N ASN B 170 41.51 20.74 -15.96
CA ASN B 170 41.57 19.35 -16.44
C ASN B 170 42.65 18.48 -15.83
N GLU B 171 43.74 19.09 -15.39
CA GLU B 171 44.91 18.32 -14.96
C GLU B 171 44.63 17.34 -13.83
N GLY B 172 45.01 16.08 -14.03
CA GLY B 172 44.86 15.07 -12.99
C GLY B 172 43.48 14.46 -12.83
N LEU B 173 42.58 14.74 -13.77
CA LEU B 173 41.22 14.20 -13.72
C LEU B 173 40.98 13.12 -14.76
N ILE B 174 40.21 12.10 -14.38
CA ILE B 174 39.69 11.08 -15.32
C ILE B 174 38.16 11.19 -15.27
N LEU B 175 37.56 11.30 -16.45
CA LEU B 175 36.13 11.50 -16.58
C LEU B 175 35.40 10.24 -17.03
N LEU B 176 34.27 9.98 -16.37
CA LEU B 176 33.31 8.99 -16.84
CA LEU B 176 33.30 8.99 -16.83
C LEU B 176 32.11 9.74 -17.41
N SER B 177 31.71 9.37 -18.62
CA SER B 177 30.81 10.17 -19.45
C SER B 177 29.41 10.47 -18.96
N GLY B 178 28.91 9.70 -18.00
CA GLY B 178 27.51 9.83 -17.58
C GLY B 178 26.51 8.92 -18.29
N GLY B 179 26.98 8.17 -19.28
CA GLY B 179 26.15 7.19 -19.98
C GLY B 179 25.03 7.89 -20.70
N ARG B 180 23.81 7.33 -20.61
CA ARG B 180 22.67 7.89 -21.34
C ARG B 180 22.33 9.32 -20.89
N MET B 181 22.85 9.70 -19.73
CA MET B 181 22.53 10.99 -19.10
C MET B 181 23.60 12.03 -19.36
N GLY B 182 24.73 11.65 -19.96
CA GLY B 182 25.82 12.60 -20.17
C GLY B 182 25.63 13.35 -21.46
N ASP B 183 26.48 14.35 -21.76
CA ASP B 183 26.28 15.13 -22.99
C ASP B 183 26.44 14.29 -24.26
N VAL B 184 27.46 13.43 -24.30
CA VAL B 184 27.62 12.53 -25.45
C VAL B 184 26.43 11.55 -25.55
N GLY B 185 26.03 10.97 -24.43
CA GLY B 185 24.92 9.99 -24.44
C GLY B 185 23.58 10.57 -24.90
N ARG B 186 23.24 11.76 -24.38
CA ARG B 186 22.04 12.46 -24.80
CA ARG B 186 22.04 12.49 -24.80
C ARG B 186 22.11 12.76 -26.30
N SER B 187 23.29 13.20 -26.78
CA SER B 187 23.44 13.49 -28.20
C SER B 187 23.28 12.22 -29.08
N LEU B 188 23.81 11.09 -28.61
CA LEU B 188 23.64 9.81 -29.32
C LEU B 188 22.16 9.42 -29.45
N LEU B 189 21.40 9.59 -28.37
CA LEU B 189 19.98 9.21 -28.33
C LEU B 189 19.10 10.17 -29.16
N ARG B 190 19.64 11.36 -29.41
CA ARG B 190 19.02 12.42 -30.21
C ARG B 190 19.34 12.19 -31.69
N GLY B 191 20.21 11.21 -31.95
CA GLY B 191 20.64 10.84 -33.30
C GLY B 191 21.36 11.95 -34.07
N ASN B 192 21.88 12.93 -33.35
CA ASN B 192 22.51 14.10 -33.94
C ASN B 192 24.02 13.88 -34.09
N SER B 193 24.43 13.38 -35.25
CA SER B 193 25.83 13.02 -35.51
C SER B 193 26.81 14.18 -35.36
N ALA B 194 26.43 15.35 -35.86
CA ALA B 194 27.25 16.55 -35.77
C ALA B 194 27.47 16.96 -34.31
N LEU B 195 26.40 16.93 -33.52
CA LEU B 195 26.46 17.23 -32.09
C LEU B 195 27.31 16.21 -31.29
N VAL B 196 27.22 14.93 -31.67
CA VAL B 196 28.06 13.90 -31.02
C VAL B 196 29.54 14.20 -31.28
N ASP B 197 29.86 14.50 -32.54
CA ASP B 197 31.22 14.86 -32.96
C ASP B 197 31.75 16.07 -32.17
N GLU B 198 30.92 17.11 -32.05
CA GLU B 198 31.26 18.31 -31.29
C GLU B 198 31.55 18.04 -29.80
N CYS B 199 30.70 17.25 -29.14
CA CYS B 199 30.93 16.85 -27.75
C CYS B 199 32.21 16.06 -27.59
N VAL B 200 32.36 15.04 -28.44
CA VAL B 200 33.50 14.12 -28.37
C VAL B 200 34.83 14.86 -28.55
N ALA B 201 34.85 15.81 -29.48
CA ALA B 201 36.03 16.63 -29.80
C ALA B 201 36.54 17.41 -28.58
N PHE B 202 35.63 17.87 -27.73
CA PHE B 202 36.02 18.55 -26.49
C PHE B 202 36.84 17.64 -25.59
N TYR B 203 36.36 16.42 -25.37
CA TYR B 203 37.07 15.48 -24.48
C TYR B 203 38.35 14.93 -25.12
N GLU B 204 38.35 14.73 -26.43
CA GLU B 204 39.55 14.28 -27.13
C GLU B 204 40.67 15.31 -27.05
N GLU B 205 40.31 16.60 -27.04
CA GLU B 205 41.31 17.65 -26.89
C GLU B 205 41.84 17.80 -25.47
N HIS B 206 40.94 17.90 -24.50
CA HIS B 206 41.34 18.28 -23.13
C HIS B 206 41.54 17.11 -22.21
N PHE B 207 41.00 15.95 -22.59
CA PHE B 207 41.12 14.77 -21.75
C PHE B 207 41.59 13.54 -22.53
N PRO B 208 42.72 13.64 -23.27
CA PRO B 208 43.17 12.50 -24.08
C PRO B 208 43.49 11.30 -23.20
N ASP B 209 42.91 10.14 -23.53
CA ASP B 209 43.01 8.92 -22.74
C ASP B 209 42.53 9.11 -21.30
N ARG B 210 41.72 10.14 -21.05
CA ARG B 210 41.19 10.40 -19.71
C ARG B 210 39.70 10.64 -19.72
N TYR B 211 39.04 10.18 -20.77
CA TYR B 211 37.57 10.22 -20.87
C TYR B 211 37.06 8.86 -21.32
N PHE B 212 36.10 8.33 -20.56
CA PHE B 212 35.56 6.99 -20.82
C PHE B 212 34.06 7.03 -21.01
N LEU B 213 33.58 6.38 -22.08
CA LEU B 213 32.15 6.25 -22.34
C LEU B 213 31.57 5.22 -21.39
N GLU B 214 30.73 5.70 -20.49
CA GLU B 214 30.24 4.90 -19.38
C GLU B 214 29.09 4.03 -19.85
N LEU B 215 29.21 2.72 -19.62
CA LEU B 215 28.16 1.77 -19.96
C LEU B 215 27.55 1.25 -18.68
N ILE B 216 26.22 1.30 -18.62
CA ILE B 216 25.45 0.93 -17.43
C ILE B 216 24.28 0.01 -17.82
N ARG B 217 24.15 -1.08 -17.08
CA ARG B 217 23.09 -2.05 -17.32
C ARG B 217 22.30 -2.27 -16.04
N THR B 218 21.31 -1.40 -15.81
CA THR B 218 20.48 -1.45 -14.62
C THR B 218 18.98 -1.48 -14.94
N GLY B 219 18.63 -1.83 -16.18
CA GLY B 219 17.24 -1.95 -16.61
C GLY B 219 16.44 -0.67 -16.74
N ARG B 220 17.11 0.47 -16.86
CA ARG B 220 16.40 1.75 -16.96
C ARG B 220 16.23 2.20 -18.41
N PRO B 221 15.28 3.13 -18.67
CA PRO B 221 14.89 3.51 -20.03
C PRO B 221 16.07 4.02 -20.86
N ASP B 222 16.17 3.47 -22.07
CA ASP B 222 17.22 3.80 -23.05
C ASP B 222 18.67 3.37 -22.70
N GLU B 223 18.87 2.67 -21.58
CA GLU B 223 20.24 2.31 -21.20
C GLU B 223 20.89 1.43 -22.25
N GLU B 224 20.15 0.44 -22.76
CA GLU B 224 20.72 -0.52 -23.70
C GLU B 224 20.80 0.06 -25.11
N SER B 225 19.81 0.86 -25.48
CA SER B 225 19.86 1.57 -26.76
CA SER B 225 19.84 1.61 -26.74
C SER B 225 21.05 2.55 -26.80
N TYR B 226 21.26 3.28 -25.70
CA TYR B 226 22.41 4.16 -25.61
C TYR B 226 23.71 3.32 -25.69
N LEU B 227 23.72 2.19 -25.00
CA LEU B 227 24.91 1.34 -24.92
C LEU B 227 25.33 0.89 -26.33
N HIS B 228 24.35 0.48 -27.14
CA HIS B 228 24.64 0.06 -28.51
C HIS B 228 25.26 1.21 -29.30
N ALA B 229 24.69 2.41 -29.18
CA ALA B 229 25.21 3.58 -29.88
C ALA B 229 26.61 3.97 -29.40
N ALA B 230 26.84 3.88 -28.09
CA ALA B 230 28.15 4.22 -27.51
C ALA B 230 29.26 3.26 -27.95
N VAL B 231 28.95 1.97 -28.00
CA VAL B 231 29.89 0.95 -28.46
C VAL B 231 30.27 1.22 -29.92
N GLU B 232 29.28 1.61 -30.73
CA GLU B 232 29.49 1.93 -32.15
C GLU B 232 30.41 3.16 -32.29
N LEU B 233 30.18 4.16 -31.43
CA LEU B 233 31.01 5.36 -31.40
C LEU B 233 32.44 5.02 -30.94
N ALA B 234 32.54 4.24 -29.87
CA ALA B 234 33.84 3.78 -29.34
C ALA B 234 34.67 3.09 -30.40
N GLU B 235 34.05 2.15 -31.12
CA GLU B 235 34.72 1.48 -32.23
C GLU B 235 35.16 2.43 -33.36
N ALA B 236 34.31 3.41 -33.69
CA ALA B 236 34.61 4.36 -34.78
C ALA B 236 35.74 5.34 -34.46
N ARG B 237 35.81 5.79 -33.21
CA ARG B 237 36.71 6.87 -32.83
C ARG B 237 37.86 6.42 -31.95
N GLY B 238 37.85 5.15 -31.55
CA GLY B 238 38.88 4.61 -30.67
C GLY B 238 38.78 5.12 -29.25
N LEU B 239 37.56 5.49 -28.84
CA LEU B 239 37.31 5.92 -27.45
C LEU B 239 37.17 4.71 -26.55
N PRO B 240 37.67 4.82 -25.30
CA PRO B 240 37.52 3.69 -24.39
C PRO B 240 36.16 3.66 -23.69
N VAL B 241 35.61 2.45 -23.53
CA VAL B 241 34.36 2.26 -22.79
C VAL B 241 34.66 1.78 -21.38
N VAL B 242 33.78 2.08 -20.44
CA VAL B 242 33.94 1.60 -19.07
C VAL B 242 32.59 1.22 -18.50
N ALA B 243 32.56 0.11 -17.75
CA ALA B 243 31.35 -0.36 -17.09
C ALA B 243 31.27 0.24 -15.69
N THR B 244 30.10 0.78 -15.33
CA THR B 244 29.84 1.09 -13.91
C THR B 244 28.47 0.55 -13.59
N ASN B 245 28.15 0.50 -12.29
CA ASN B 245 26.81 0.12 -11.88
C ASN B 245 26.00 1.24 -11.25
N ASP B 246 26.52 2.47 -11.32
CA ASP B 246 25.81 3.66 -10.80
C ASP B 246 25.23 3.31 -9.43
N VAL B 247 26.11 2.88 -8.53
CA VAL B 247 25.67 2.34 -7.23
C VAL B 247 25.09 3.42 -6.30
N ARG B 248 23.89 3.17 -5.76
CA ARG B 248 23.18 4.11 -4.89
C ARG B 248 22.85 3.54 -3.50
N PHE B 249 22.99 2.23 -3.36
CA PHE B 249 22.70 1.52 -2.09
C PHE B 249 23.43 0.18 -2.10
N ILE B 250 23.51 -0.47 -0.94
CA ILE B 250 24.41 -1.60 -0.81
C ILE B 250 23.84 -2.91 -1.40
N ASP B 251 22.62 -3.25 -0.99
CA ASP B 251 21.94 -4.47 -1.44
C ASP B 251 20.67 -4.12 -2.22
N SER B 252 20.22 -5.00 -3.13
CA SER B 252 19.02 -4.72 -3.91
C SER B 252 17.81 -4.46 -3.03
N SER B 253 17.79 -5.13 -1.87
CA SER B 253 16.71 -4.97 -0.89
C SER B 253 16.66 -3.59 -0.22
N ASP B 254 17.66 -2.75 -0.45
CA ASP B 254 17.67 -1.38 0.07
C ASP B 254 16.94 -0.40 -0.87
N PHE B 255 16.56 -0.87 -2.06
CA PHE B 255 15.92 -0.03 -3.08
C PHE B 255 14.67 0.70 -2.60
N ASP B 256 13.77 -0.03 -1.95
CA ASP B 256 12.49 0.53 -1.50
C ASP B 256 12.70 1.73 -0.57
N ALA B 257 13.60 1.56 0.40
CA ALA B 257 13.96 2.61 1.36
C ALA B 257 14.59 3.82 0.68
N HIS B 258 15.49 3.58 -0.28
CA HIS B 258 16.15 4.66 -1.03
C HIS B 258 15.10 5.53 -1.76
N GLU B 259 14.17 4.87 -2.46
CA GLU B 259 13.13 5.55 -3.22
C GLU B 259 12.29 6.47 -2.33
N ILE B 260 12.03 6.03 -1.11
CA ILE B 260 11.21 6.78 -0.17
C ILE B 260 11.98 7.98 0.39
N ARG B 261 13.25 7.77 0.72
CA ARG B 261 14.13 8.88 1.15
C ARG B 261 14.22 9.99 0.10
N VAL B 262 14.35 9.59 -1.16
CA VAL B 262 14.40 10.52 -2.30
C VAL B 262 13.06 11.25 -2.50
N ALA B 263 11.96 10.51 -2.44
CA ALA B 263 10.62 11.08 -2.62
C ALA B 263 10.36 12.16 -1.56
N ILE B 264 10.65 11.81 -0.30
CA ILE B 264 10.46 12.71 0.84
C ILE B 264 11.23 14.03 0.67
N HIS B 265 12.52 13.93 0.36
CA HIS B 265 13.36 15.10 0.12
C HIS B 265 12.81 16.03 -0.97
N ASP B 266 12.39 15.44 -2.09
CA ASP B 266 11.90 16.21 -3.24
C ASP B 266 10.49 16.76 -3.04
N GLY B 267 9.88 16.42 -1.90
CA GLY B 267 8.55 16.93 -1.53
C GLY B 267 7.40 16.13 -2.11
N PHE B 268 7.51 14.80 -2.10
CA PHE B 268 6.49 13.89 -2.66
C PHE B 268 6.21 12.72 -1.72
N THR B 269 5.03 12.09 -1.85
CA THR B 269 4.79 10.77 -1.26
C THR B 269 5.14 9.67 -2.26
N LEU B 270 5.35 8.44 -1.77
CA LEU B 270 5.82 7.34 -2.62
C LEU B 270 4.84 6.99 -3.75
N ASP B 271 3.55 6.98 -3.43
CA ASP B 271 2.49 6.60 -4.37
C ASP B 271 1.93 7.76 -5.20
N ASP B 272 2.60 8.92 -5.16
CA ASP B 272 2.22 10.07 -5.99
C ASP B 272 2.70 9.82 -7.43
N PRO B 273 1.77 9.82 -8.40
CA PRO B 273 2.11 9.62 -9.81
C PRO B 273 2.96 10.75 -10.40
N LYS B 274 3.06 11.87 -9.69
CA LYS B 274 3.82 13.03 -10.14
C LYS B 274 5.33 13.00 -9.82
N ARG B 275 5.77 12.07 -8.96
CA ARG B 275 7.17 12.07 -8.48
C ARG B 275 8.14 11.44 -9.49
N PRO B 276 9.37 12.00 -9.60
CA PRO B 276 10.40 11.43 -10.47
C PRO B 276 10.80 10.03 -10.01
N ARG B 277 10.90 9.11 -10.97
CA ARG B 277 11.29 7.73 -10.66
C ARG B 277 12.55 7.43 -11.46
N ASN B 278 13.68 7.78 -10.87
CA ASN B 278 14.96 7.84 -11.55
C ASN B 278 15.87 6.64 -11.27
N TYR B 279 15.44 5.75 -10.38
CA TYR B 279 16.32 4.71 -9.87
C TYR B 279 15.76 3.32 -10.13
N SER B 280 16.65 2.35 -10.13
CA SER B 280 16.32 0.94 -10.35
C SER B 280 16.84 0.06 -9.20
N PRO B 281 16.13 -1.05 -8.90
CA PRO B 281 16.62 -2.00 -7.90
C PRO B 281 17.95 -2.65 -8.25
N GLN B 282 18.39 -2.49 -9.49
CA GLN B 282 19.68 -3.03 -9.90
C GLN B 282 20.89 -2.18 -9.47
N GLN B 283 20.65 -1.01 -8.88
CA GLN B 283 21.74 -0.09 -8.58
C GLN B 283 22.40 -0.34 -7.24
N TYR B 284 22.62 -1.62 -6.95
CA TYR B 284 23.30 -2.02 -5.72
C TYR B 284 24.75 -2.34 -5.99
N MET B 285 25.49 -2.65 -4.94
CA MET B 285 26.90 -2.93 -5.10
C MET B 285 27.07 -4.36 -5.59
N ARG B 286 26.98 -4.54 -6.92
CA ARG B 286 27.11 -5.85 -7.52
C ARG B 286 28.51 -6.39 -7.28
N SER B 287 28.62 -7.72 -7.18
CA SER B 287 29.92 -8.35 -6.98
C SER B 287 30.73 -8.33 -8.27
N GLU B 288 32.02 -8.63 -8.16
CA GLU B 288 32.85 -8.69 -9.35
C GLU B 288 32.32 -9.79 -10.30
N GLU B 289 31.92 -10.93 -9.75
CA GLU B 289 31.38 -12.02 -10.58
C GLU B 289 30.10 -11.57 -11.30
N GLU B 290 29.23 -10.85 -10.59
CA GLU B 290 27.98 -10.33 -11.18
C GLU B 290 28.29 -9.37 -12.32
N MET B 291 29.21 -8.44 -12.10
CA MET B 291 29.61 -7.48 -13.14
C MET B 291 30.26 -8.15 -14.36
N CYS B 292 31.12 -9.15 -14.11
CA CYS B 292 31.74 -9.89 -15.21
C CYS B 292 30.73 -10.64 -16.06
N GLU B 293 29.69 -11.20 -15.44
CA GLU B 293 28.66 -11.88 -16.19
C GLU B 293 27.79 -10.87 -16.96
N LEU B 294 27.54 -9.73 -16.35
CA LEU B 294 26.67 -8.68 -16.94
C LEU B 294 27.30 -8.07 -18.20
N PHE B 295 28.62 -7.95 -18.19
CA PHE B 295 29.36 -7.36 -19.30
C PHE B 295 30.29 -8.36 -19.99
N ALA B 296 29.88 -9.63 -20.01
CA ALA B 296 30.69 -10.68 -20.64
C ALA B 296 30.90 -10.43 -22.13
N ASP B 297 29.92 -9.79 -22.76
CA ASP B 297 29.97 -9.41 -24.17
C ASP B 297 30.86 -8.20 -24.47
N ILE B 298 31.33 -7.48 -23.45
CA ILE B 298 32.19 -6.30 -23.63
C ILE B 298 33.29 -6.30 -22.57
N PRO B 299 34.27 -7.25 -22.67
CA PRO B 299 35.29 -7.36 -21.61
C PRO B 299 36.14 -6.11 -21.44
N GLU B 300 36.30 -5.35 -22.52
CA GLU B 300 37.04 -4.10 -22.47
C GLU B 300 36.45 -3.11 -21.44
N ALA B 301 35.13 -3.14 -21.27
CA ALA B 301 34.45 -2.24 -20.32
C ALA B 301 34.82 -2.58 -18.89
N LEU B 302 35.02 -3.88 -18.63
CA LEU B 302 35.48 -4.35 -17.31
C LEU B 302 36.98 -4.06 -17.14
N ALA B 303 37.76 -4.30 -18.19
CA ALA B 303 39.21 -4.12 -18.10
C ALA B 303 39.59 -2.66 -17.88
N ASN B 304 38.83 -1.74 -18.45
CA ASN B 304 39.14 -0.32 -18.24
C ASN B 304 38.90 0.09 -16.77
N THR B 305 38.00 -0.59 -16.04
CA THR B 305 37.82 -0.21 -14.63
C THR B 305 39.06 -0.47 -13.80
N VAL B 306 39.75 -1.57 -14.12
CA VAL B 306 40.92 -1.98 -13.36
C VAL B 306 42.09 -1.07 -13.72
N GLU B 307 42.22 -0.77 -15.00
CA GLU B 307 43.26 0.18 -15.44
C GLU B 307 43.04 1.56 -14.82
N ILE B 308 41.80 2.05 -14.82
CA ILE B 308 41.52 3.33 -14.17
C ILE B 308 41.84 3.26 -12.67
N ALA B 309 41.47 2.15 -12.03
CA ALA B 309 41.74 2.00 -10.60
C ALA B 309 43.25 2.08 -10.31
N LYS B 310 44.08 1.50 -11.19
CA LYS B 310 45.54 1.59 -11.06
C LYS B 310 46.05 3.02 -11.29
N ARG B 311 45.33 3.77 -12.12
CA ARG B 311 45.71 5.13 -12.47
C ARG B 311 45.35 6.17 -11.42
N CYS B 312 44.49 5.79 -10.47
CA CYS B 312 43.98 6.77 -9.49
C CYS B 312 44.71 6.64 -8.15
N ASN B 313 45.62 7.58 -7.88
CA ASN B 313 46.54 7.51 -6.77
C ASN B 313 46.61 8.85 -6.06
N VAL B 314 45.66 9.06 -5.16
CA VAL B 314 45.63 10.30 -4.37
C VAL B 314 46.05 9.93 -2.95
N THR B 315 47.03 10.64 -2.43
CA THR B 315 47.57 10.35 -1.10
C THR B 315 47.20 11.43 -0.10
N LYS C 4 -30.40 16.91 14.44
CA LYS C 4 -29.35 16.64 13.41
CA LYS C 4 -29.34 16.65 13.42
C LYS C 4 -29.44 15.24 12.81
N LEU C 5 -29.98 14.28 13.57
CA LEU C 5 -30.11 12.89 13.07
C LEU C 5 -31.41 12.65 12.29
N ARG C 6 -31.29 12.01 11.14
CA ARG C 6 -32.42 11.84 10.22
C ARG C 6 -33.28 10.65 10.62
N VAL C 7 -34.59 10.86 10.66
CA VAL C 7 -35.54 9.75 10.68
C VAL C 7 -36.15 9.68 9.27
N VAL C 8 -36.08 8.49 8.65
CA VAL C 8 -36.67 8.23 7.34
C VAL C 8 -38.11 7.77 7.52
N PHE C 9 -39.06 8.68 7.31
CA PHE C 9 -40.48 8.36 7.51
C PHE C 9 -41.07 7.53 6.37
N ALA C 10 -41.86 6.53 6.73
CA ALA C 10 -42.64 5.78 5.75
C ALA C 10 -43.50 6.77 4.98
N THR C 11 -43.47 6.69 3.65
CA THR C 11 -44.26 7.56 2.80
C THR C 11 -45.74 7.24 2.93
N ASP C 12 -46.61 8.06 2.35
CA ASP C 12 -48.05 7.75 2.33
C ASP C 12 -48.32 6.40 1.66
N GLU C 13 -47.58 6.10 0.60
CA GLU C 13 -47.74 4.81 -0.09
C GLU C 13 -47.36 3.63 0.79
N GLU C 14 -46.24 3.78 1.51
CA GLU C 14 -45.79 2.73 2.41
C GLU C 14 -46.76 2.54 3.59
N ILE C 15 -47.31 3.66 4.10
CA ILE C 15 -48.30 3.61 5.18
C ILE C 15 -49.53 2.85 4.72
N ALA C 16 -49.96 3.09 3.50
CA ALA C 16 -51.07 2.35 2.91
C ALA C 16 -50.78 0.85 2.81
N ALA C 17 -49.56 0.50 2.41
CA ALA C 17 -49.16 -0.90 2.36
C ALA C 17 -49.08 -1.55 3.76
N HIS C 18 -48.65 -0.75 4.75
CA HIS C 18 -48.55 -1.17 6.16
C HIS C 18 -49.94 -1.46 6.69
N GLU C 19 -50.90 -0.57 6.43
CA GLU C 19 -52.29 -0.77 6.87
C GLU C 19 -52.87 -2.03 6.27
N ALA C 20 -52.61 -2.24 4.98
CA ALA C 20 -53.10 -3.44 4.29
C ALA C 20 -52.42 -4.71 4.82
N ARG C 21 -51.14 -4.58 5.18
CA ARG C 21 -50.38 -5.67 5.75
C ARG C 21 -50.90 -6.03 7.14
N LEU C 22 -51.20 -5.03 7.96
CA LEU C 22 -51.88 -5.32 9.25
C LEU C 22 -53.28 -5.93 9.06
N ASP C 23 -54.02 -5.46 8.06
CA ASP C 23 -55.32 -6.06 7.76
C ASP C 23 -55.17 -7.55 7.49
N LEU C 24 -54.11 -7.92 6.76
CA LEU C 24 -53.85 -9.32 6.46
C LEU C 24 -53.55 -10.15 7.73
N VAL C 25 -52.72 -9.61 8.63
CA VAL C 25 -52.49 -10.24 9.94
C VAL C 25 -53.83 -10.53 10.64
N GLN C 26 -54.68 -9.51 10.67
CA GLN C 26 -55.91 -9.58 11.45
C GLN C 26 -56.96 -10.50 10.83
N LYS C 27 -57.10 -10.44 9.51
CA LYS C 27 -58.03 -11.29 8.79
C LYS C 27 -57.62 -12.77 8.79
N LYS C 28 -56.31 -13.02 8.91
CA LYS C 28 -55.84 -14.40 8.96
C LYS C 28 -55.71 -14.98 10.36
N GLY C 29 -55.40 -14.14 11.33
CA GLY C 29 -55.13 -14.60 12.70
C GLY C 29 -56.15 -14.24 13.75
N GLY C 30 -57.02 -13.28 13.46
CA GLY C 30 -58.08 -12.90 14.38
C GLY C 30 -57.70 -11.89 15.45
N SER C 31 -56.52 -11.29 15.29
CA SER C 31 -56.05 -10.23 16.18
C SER C 31 -54.88 -9.49 15.54
N CYS C 32 -54.53 -8.33 16.10
CA CYS C 32 -53.39 -7.58 15.61
C CYS C 32 -52.85 -6.75 16.76
N LEU C 33 -51.63 -7.04 17.20
CA LEU C 33 -51.07 -6.39 18.41
C LEU C 33 -50.88 -4.90 18.17
N TRP C 34 -50.55 -4.53 16.93
CA TRP C 34 -50.36 -3.12 16.59
C TRP C 34 -51.65 -2.34 16.86
N ARG C 35 -52.79 -2.99 16.67
CA ARG C 35 -54.14 -2.39 16.87
C ARG C 35 -54.86 -2.78 18.17
N ALA C 36 -54.14 -3.42 19.08
CA ALA C 36 -54.77 -3.94 20.31
C ALA C 36 -54.95 -2.82 21.33
N THR C 37 -56.07 -2.89 22.06
CA THR C 37 -56.33 -1.95 23.16
C THR C 37 -56.22 -2.69 24.49
N ARG C 38 -55.39 -2.18 25.39
CA ARG C 38 -55.26 -2.76 26.74
C ARG C 38 -56.60 -2.83 27.48
N GLU C 39 -56.76 -3.84 28.32
CA GLU C 39 -57.98 -3.97 29.10
C GLU C 39 -58.10 -2.72 29.96
N SER C 40 -59.32 -2.18 30.03
CA SER C 40 -59.63 -0.96 30.78
C SER C 40 -59.07 0.32 30.12
N GLY C 41 -58.54 0.17 28.91
CA GLY C 41 -58.02 1.29 28.10
C GLY C 41 -59.05 1.77 27.08
N SER C 42 -58.63 2.64 26.15
CA SER C 42 -59.56 3.18 25.14
C SER C 42 -58.90 3.22 23.78
N ILE C 43 -59.70 3.19 22.72
CA ILE C 43 -59.16 3.31 21.37
C ILE C 43 -58.36 4.62 21.26
N GLY C 44 -58.96 5.70 21.78
CA GLY C 44 -58.34 7.03 21.74
C GLY C 44 -56.95 7.12 22.30
N SER C 45 -56.66 6.32 23.32
CA SER C 45 -55.38 6.40 24.05
C SER C 45 -54.38 5.31 23.66
N MET C 46 -54.66 4.58 22.59
CA MET C 46 -53.70 3.62 22.08
C MET C 46 -52.43 4.32 21.64
N SER C 47 -51.32 3.60 21.70
CA SER C 47 -50.05 4.20 21.31
C SER C 47 -49.27 3.34 20.34
N GLU C 48 -48.43 3.99 19.56
CA GLU C 48 -47.58 3.32 18.60
C GLU C 48 -46.40 2.64 19.28
N PRO C 49 -45.87 1.56 18.67
CA PRO C 49 -44.67 0.98 19.26
C PRO C 49 -43.52 1.97 19.17
N ARG C 50 -42.59 1.84 20.12
CA ARG C 50 -41.44 2.72 20.22
C ARG C 50 -40.20 2.05 19.65
N PHE C 51 -40.24 0.72 19.58
CA PHE C 51 -39.10 -0.05 19.08
C PHE C 51 -39.55 -1.40 18.51
N VAL C 52 -38.92 -1.78 17.39
CA VAL C 52 -39.14 -3.09 16.78
C VAL C 52 -37.79 -3.77 16.59
N HIS C 53 -37.68 -5.05 16.96
CA HIS C 53 -36.47 -5.85 16.67
C HIS C 53 -36.34 -6.20 15.18
N LEU C 54 -35.26 -5.74 14.55
CA LEU C 54 -35.04 -5.96 13.12
C LEU C 54 -33.90 -6.92 12.81
N ARG C 55 -33.19 -7.40 13.84
CA ARG C 55 -32.14 -8.39 13.63
C ARG C 55 -32.25 -9.43 14.71
N VAL C 56 -32.69 -10.62 14.32
CA VAL C 56 -33.07 -11.67 15.28
C VAL C 56 -32.77 -13.00 14.63
N HIS C 57 -32.04 -13.86 15.32
CA HIS C 57 -31.69 -15.18 14.82
C HIS C 57 -32.34 -16.27 15.64
N SER C 58 -32.81 -17.33 14.98
CA SER C 58 -33.18 -18.58 15.67
C SER C 58 -31.93 -19.25 16.23
N ASP C 59 -32.11 -20.20 17.16
CA ASP C 59 -30.99 -20.80 17.88
C ASP C 59 -29.91 -21.41 17.00
N TYR C 60 -30.31 -22.06 15.90
CA TYR C 60 -29.36 -22.82 15.09
C TYR C 60 -28.90 -22.12 13.80
N SER C 61 -29.22 -20.83 13.69
CA SER C 61 -29.03 -20.01 12.49
C SER C 61 -27.70 -20.20 11.74
N MET C 62 -26.59 -20.17 12.49
CA MET C 62 -25.24 -20.23 11.92
C MET C 62 -24.55 -21.59 12.13
N ILE C 63 -25.28 -22.51 12.75
CA ILE C 63 -24.82 -23.85 13.06
CA ILE C 63 -24.77 -23.86 12.98
C ILE C 63 -25.68 -24.87 12.29
N ASP C 64 -25.46 -26.15 12.55
CA ASP C 64 -26.30 -27.20 11.99
C ASP C 64 -27.58 -27.31 12.81
N GLY C 65 -28.68 -27.65 12.13
CA GLY C 65 -29.94 -27.88 12.81
C GLY C 65 -31.15 -27.12 12.30
N PRO C 66 -32.32 -27.39 12.89
CA PRO C 66 -33.60 -26.82 12.48
C PRO C 66 -33.75 -25.32 12.74
N ALA C 67 -34.57 -24.65 11.94
CA ALA C 67 -34.93 -23.25 12.16
C ALA C 67 -36.22 -23.20 12.99
N LYS C 68 -36.07 -23.08 14.29
CA LYS C 68 -37.22 -23.04 15.20
C LYS C 68 -37.56 -21.59 15.51
N THR C 69 -38.65 -21.12 14.91
CA THR C 69 -39.08 -19.74 15.04
C THR C 69 -40.21 -19.54 16.06
N ALA C 70 -40.88 -20.64 16.45
CA ALA C 70 -41.98 -20.59 17.41
C ALA C 70 -41.62 -19.89 18.74
N PRO C 71 -40.47 -20.23 19.35
CA PRO C 71 -40.11 -19.57 20.61
C PRO C 71 -39.94 -18.06 20.48
N LEU C 72 -39.45 -17.59 19.33
CA LEU C 72 -39.27 -16.15 19.11
C LEU C 72 -40.60 -15.40 19.00
N VAL C 73 -41.56 -15.98 18.28
CA VAL C 73 -42.90 -15.39 18.16
C VAL C 73 -43.58 -15.38 19.53
N LYS C 74 -43.48 -16.49 20.25
CA LYS C 74 -44.06 -16.64 21.59
C LYS C 74 -43.56 -15.54 22.53
N LYS C 75 -42.26 -15.29 22.51
CA LYS C 75 -41.67 -14.26 23.36
C LYS C 75 -42.08 -12.86 22.92
N ALA C 76 -42.05 -12.60 21.61
CA ALA C 76 -42.45 -11.29 21.10
C ALA C 76 -43.92 -10.97 21.47
N ALA C 77 -44.78 -11.99 21.39
CA ALA C 77 -46.18 -11.84 21.78
C ALA C 77 -46.33 -11.58 23.27
N ALA C 78 -45.54 -12.27 24.09
CA ALA C 78 -45.54 -12.04 25.54
C ALA C 78 -45.08 -10.61 25.88
N LEU C 79 -44.13 -10.09 25.08
CA LEU C 79 -43.62 -8.73 25.27
C LEU C 79 -44.54 -7.63 24.67
N GLY C 80 -45.64 -8.05 24.05
CA GLY C 80 -46.56 -7.14 23.39
C GLY C 80 -45.98 -6.46 22.16
N MET C 81 -45.05 -7.14 21.49
CA MET C 81 -44.38 -6.59 20.32
C MET C 81 -45.19 -6.79 19.04
N PRO C 82 -45.52 -5.68 18.33
CA PRO C 82 -46.46 -5.82 17.22
C PRO C 82 -45.83 -6.21 15.89
N ALA C 83 -44.50 -6.22 15.84
CA ALA C 83 -43.78 -6.68 14.64
C ALA C 83 -42.48 -7.30 15.07
N LEU C 84 -41.94 -8.15 14.21
CA LEU C 84 -40.68 -8.83 14.50
C LEU C 84 -40.05 -9.26 13.19
N ALA C 85 -38.75 -9.03 13.03
CA ALA C 85 -38.03 -9.61 11.90
C ALA C 85 -37.35 -10.89 12.33
N ILE C 86 -37.27 -11.85 11.41
CA ILE C 86 -36.34 -12.98 11.53
CA ILE C 86 -36.31 -12.93 11.57
C ILE C 86 -35.28 -12.80 10.43
N THR C 87 -34.02 -12.82 10.82
CA THR C 87 -32.94 -12.55 9.88
C THR C 87 -31.87 -13.61 10.05
N ASP C 88 -32.21 -14.86 9.71
CA ASP C 88 -31.26 -15.95 9.88
C ASP C 88 -30.13 -15.86 8.86
N PHE C 89 -29.09 -16.65 9.06
CA PHE C 89 -27.90 -16.49 8.24
C PHE C 89 -28.03 -17.12 6.85
N THR C 90 -28.10 -16.26 5.82
CA THR C 90 -28.12 -16.67 4.41
C THR C 90 -29.13 -17.79 4.19
N ASN C 91 -30.29 -17.62 4.82
CA ASN C 91 -31.37 -18.59 4.69
C ASN C 91 -32.68 -18.04 5.13
N LEU C 92 -33.75 -18.58 4.53
CA LEU C 92 -35.12 -18.27 4.88
C LEU C 92 -35.88 -19.50 5.36
N CYS C 93 -35.18 -20.45 5.97
CA CYS C 93 -35.78 -21.73 6.38
C CYS C 93 -37.10 -21.58 7.14
N GLY C 94 -37.09 -20.72 8.17
CA GLY C 94 -38.21 -20.61 9.09
C GLY C 94 -39.33 -19.69 8.66
N LEU C 95 -39.21 -19.11 7.46
CA LEU C 95 -40.13 -18.06 7.01
C LEU C 95 -41.59 -18.51 6.95
N VAL C 96 -41.84 -19.68 6.36
CA VAL C 96 -43.22 -20.15 6.18
C VAL C 96 -43.90 -20.33 7.53
N LYS C 97 -43.17 -20.97 8.46
CA LYS C 97 -43.71 -21.17 9.81
C LYS C 97 -43.78 -19.87 10.62
N PHE C 98 -42.82 -18.97 10.39
CA PHE C 98 -42.78 -17.66 11.08
C PHE C 98 -43.97 -16.80 10.66
N TYR C 99 -44.25 -16.81 9.37
CA TYR C 99 -45.36 -16.10 8.77
C TYR C 99 -46.67 -16.53 9.40
N GLY C 100 -46.88 -17.85 9.46
CA GLY C 100 -48.09 -18.41 10.05
C GLY C 100 -48.20 -18.17 11.55
N ALA C 101 -47.09 -18.32 12.27
CA ALA C 101 -47.10 -18.14 13.73
C ALA C 101 -47.29 -16.68 14.06
N GLY C 102 -46.62 -15.82 13.28
CA GLY C 102 -46.79 -14.37 13.36
C GLY C 102 -48.27 -14.03 13.30
N HIS C 103 -48.92 -14.44 12.21
CA HIS C 103 -50.37 -14.25 12.10
C HIS C 103 -51.20 -14.79 13.25
N GLY C 104 -50.90 -16.00 13.70
CA GLY C 104 -51.60 -16.58 14.86
C GLY C 104 -51.50 -15.69 16.08
N ALA C 105 -50.37 -15.01 16.21
CA ALA C 105 -50.12 -14.18 17.41
C ALA C 105 -50.46 -12.69 17.20
N GLY C 106 -50.95 -12.33 16.02
CA GLY C 106 -51.27 -10.92 15.73
C GLY C 106 -50.02 -10.06 15.51
N ILE C 107 -48.91 -10.71 15.14
CA ILE C 107 -47.66 -10.02 14.88
C ILE C 107 -47.40 -9.86 13.39
N LYS C 108 -46.95 -8.67 12.99
CA LYS C 108 -46.51 -8.41 11.63
C LYS C 108 -45.14 -9.06 11.40
N PRO C 109 -45.10 -10.13 10.58
CA PRO C 109 -43.80 -10.76 10.31
C PRO C 109 -42.99 -9.97 9.30
N ILE C 110 -41.72 -9.73 9.64
CA ILE C 110 -40.80 -9.04 8.74
C ILE C 110 -39.77 -10.06 8.28
N VAL C 111 -39.51 -10.05 6.97
CA VAL C 111 -38.69 -11.01 6.26
C VAL C 111 -37.30 -10.43 6.01
N GLY C 112 -36.26 -11.13 6.44
CA GLY C 112 -34.88 -10.70 6.13
C GLY C 112 -33.90 -11.84 6.24
N ALA C 113 -32.61 -11.55 6.03
CA ALA C 113 -31.53 -12.52 6.26
C ALA C 113 -30.22 -11.77 6.51
N ASP C 114 -29.31 -12.39 7.25
CA ASP C 114 -27.98 -11.86 7.47
C ASP C 114 -26.99 -12.49 6.50
N PHE C 115 -26.00 -11.71 6.08
CA PHE C 115 -25.01 -12.17 5.10
C PHE C 115 -23.58 -11.86 5.53
N ASN C 116 -22.65 -12.64 5.00
CA ASN C 116 -21.26 -12.25 4.96
C ASN C 116 -21.02 -11.73 3.55
N VAL C 117 -20.39 -10.55 3.46
CA VAL C 117 -20.23 -9.83 2.18
C VAL C 117 -18.76 -9.64 1.86
N GLN C 118 -18.41 -9.82 0.60
CA GLN C 118 -17.08 -9.48 0.09
CA GLN C 118 -17.08 -9.44 0.13
C GLN C 118 -17.17 -8.33 -0.91
N CYS C 119 -16.20 -7.42 -0.86
CA CYS C 119 -16.12 -6.35 -1.83
CA CYS C 119 -16.12 -6.30 -1.78
C CYS C 119 -14.67 -6.07 -2.17
N ASP C 120 -14.43 -5.66 -3.41
CA ASP C 120 -13.08 -5.37 -3.87
C ASP C 120 -12.38 -4.32 -2.98
N LEU C 121 -13.11 -3.26 -2.63
CA LEU C 121 -12.60 -2.19 -1.76
C LEU C 121 -11.96 -2.70 -0.46
N LEU C 122 -12.53 -3.79 0.11
CA LEU C 122 -12.07 -4.39 1.36
CA LEU C 122 -12.00 -4.36 1.35
C LEU C 122 -11.23 -5.67 1.14
N GLY C 123 -10.95 -6.01 -0.12
CA GLY C 123 -10.19 -7.22 -0.42
C GLY C 123 -10.90 -8.52 -0.05
N ASP C 124 -10.19 -9.40 0.65
CA ASP C 124 -10.71 -10.71 1.04
C ASP C 124 -11.66 -10.71 2.24
N GLU C 125 -11.60 -9.66 3.05
CA GLU C 125 -12.29 -9.59 4.33
C GLU C 125 -13.81 -9.68 4.20
N LEU C 126 -14.43 -10.55 5.00
CA LEU C 126 -15.88 -10.63 5.02
C LEU C 126 -16.47 -9.68 6.04
N THR C 127 -17.47 -8.94 5.59
CA THR C 127 -18.18 -8.01 6.47
C THR C 127 -19.65 -8.41 6.62
N HIS C 128 -20.29 -7.95 7.68
CA HIS C 128 -21.69 -8.27 7.95
C HIS C 128 -22.64 -7.29 7.27
N LEU C 129 -23.78 -7.81 6.81
CA LEU C 129 -24.86 -6.95 6.32
C LEU C 129 -26.17 -7.66 6.62
N THR C 130 -27.18 -6.91 7.07
CA THR C 130 -28.55 -7.45 7.23
C THR C 130 -29.41 -6.95 6.08
N VAL C 131 -30.11 -7.85 5.41
CA VAL C 131 -30.96 -7.46 4.28
C VAL C 131 -32.42 -7.73 4.63
N LEU C 132 -33.25 -6.68 4.62
CA LEU C 132 -34.68 -6.82 4.88
C LEU C 132 -35.49 -6.69 3.60
N ALA C 133 -36.50 -7.53 3.45
CA ALA C 133 -37.37 -7.42 2.28
C ALA C 133 -38.51 -6.43 2.60
N ALA C 134 -38.59 -5.34 1.83
CA ALA C 134 -39.63 -4.33 2.07
C ALA C 134 -40.93 -4.62 1.36
N ASN C 135 -40.85 -5.42 0.29
CA ASN C 135 -42.03 -5.78 -0.47
C ASN C 135 -41.74 -7.11 -1.16
N ASN C 136 -42.74 -7.62 -1.86
CA ASN C 136 -42.59 -8.93 -2.49
CA ASN C 136 -42.61 -8.92 -2.54
C ASN C 136 -41.48 -8.99 -3.57
N THR C 137 -41.23 -7.89 -4.27
CA THR C 137 -40.06 -7.84 -5.15
C THR C 137 -38.77 -8.03 -4.34
N GLY C 138 -38.67 -7.31 -3.22
CA GLY C 138 -37.55 -7.49 -2.30
C GLY C 138 -37.43 -8.92 -1.82
N TYR C 139 -38.55 -9.55 -1.51
CA TYR C 139 -38.55 -10.96 -1.08
C TYR C 139 -37.98 -11.85 -2.20
N GLN C 140 -38.43 -11.62 -3.43
CA GLN C 140 -37.90 -12.37 -4.55
C GLN C 140 -36.41 -12.11 -4.74
N ASN C 141 -35.98 -10.86 -4.58
CA ASN C 141 -34.56 -10.54 -4.77
C ASN C 141 -33.68 -11.10 -3.67
N LEU C 142 -34.22 -11.14 -2.45
CA LEU C 142 -33.51 -11.74 -1.33
C LEU C 142 -33.32 -13.22 -1.57
N THR C 143 -34.37 -13.87 -2.06
CA THR C 143 -34.31 -15.29 -2.41
C THR C 143 -33.23 -15.54 -3.47
N LEU C 144 -33.15 -14.66 -4.48
CA LEU C 144 -32.13 -14.76 -5.53
C LEU C 144 -30.71 -14.58 -5.00
N LEU C 145 -30.55 -13.65 -4.05
CA LEU C 145 -29.27 -13.31 -3.44
C LEU C 145 -28.74 -14.54 -2.70
N ILE C 146 -29.61 -15.18 -1.92
CA ILE C 146 -29.28 -16.43 -1.24
C ILE C 146 -28.89 -17.53 -2.23
N SER C 147 -29.69 -17.74 -3.29
CA SER C 147 -29.39 -18.74 -4.30
CA SER C 147 -29.39 -18.74 -4.30
CA SER C 147 -29.37 -18.77 -4.27
C SER C 147 -28.03 -18.51 -4.96
N LYS C 148 -27.74 -17.24 -5.29
CA LYS C 148 -26.45 -16.87 -5.91
C LYS C 148 -25.26 -17.23 -5.03
N ALA C 149 -25.39 -16.97 -3.73
CA ALA C 149 -24.33 -17.29 -2.77
C ALA C 149 -24.05 -18.78 -2.71
N TYR C 150 -25.10 -19.60 -2.78
CA TYR C 150 -24.90 -21.04 -2.77
C TYR C 150 -24.42 -21.59 -4.11
N GLN C 151 -24.91 -21.01 -5.19
CA GLN C 151 -24.62 -21.50 -6.54
C GLN C 151 -23.14 -21.41 -6.90
N ARG C 152 -22.44 -20.39 -6.42
N ARG C 152 -22.49 -20.38 -6.37
CA ARG C 152 -21.01 -20.33 -6.74
CA ARG C 152 -21.05 -20.12 -6.51
C ARG C 152 -20.17 -21.23 -5.82
C ARG C 152 -20.22 -21.20 -5.83
N GLY C 153 -20.82 -21.87 -4.85
CA GLY C 153 -20.12 -22.80 -3.96
C GLY C 153 -19.41 -22.06 -2.84
N TYR C 154 -18.93 -22.81 -1.87
CA TYR C 154 -18.23 -22.23 -0.71
C TYR C 154 -17.38 -23.27 0.00
N GLY C 155 -16.38 -22.78 0.73
CA GLY C 155 -15.51 -23.63 1.53
C GLY C 155 -15.76 -23.43 3.01
N ALA C 156 -14.68 -23.42 3.78
CA ALA C 156 -14.74 -23.26 5.23
C ALA C 156 -15.48 -22.01 5.69
N ALA C 157 -15.29 -20.90 4.96
CA ALA C 157 -15.86 -19.60 5.33
C ALA C 157 -17.39 -19.50 5.19
N GLY C 158 -17.98 -20.39 4.39
CA GLY C 158 -19.43 -20.44 4.25
C GLY C 158 -19.90 -19.63 3.05
N PRO C 159 -21.21 -19.65 2.78
CA PRO C 159 -21.74 -18.89 1.63
C PRO C 159 -21.56 -17.39 1.83
N ILE C 160 -21.13 -16.71 0.76
CA ILE C 160 -20.82 -15.29 0.77
CA ILE C 160 -20.95 -15.27 0.83
C ILE C 160 -21.57 -14.61 -0.39
N ILE C 161 -21.95 -13.35 -0.22
CA ILE C 161 -22.43 -12.55 -1.36
C ILE C 161 -21.37 -11.52 -1.77
N ASP C 162 -21.31 -11.22 -3.06
CA ASP C 162 -20.52 -10.07 -3.51
C ASP C 162 -21.37 -8.82 -3.36
N ARG C 163 -20.78 -7.77 -2.79
CA ARG C 163 -21.50 -6.51 -2.59
C ARG C 163 -22.13 -6.05 -3.91
N ASP C 164 -21.38 -6.18 -5.00
CA ASP C 164 -21.85 -5.67 -6.30
C ASP C 164 -23.08 -6.42 -6.83
N TRP C 165 -23.36 -7.63 -6.33
CA TRP C 165 -24.62 -8.30 -6.68
C TRP C 165 -25.85 -7.48 -6.25
N LEU C 166 -25.68 -6.61 -5.26
CA LEU C 166 -26.76 -5.75 -4.76
C LEU C 166 -27.20 -4.68 -5.76
N ILE C 167 -26.34 -4.33 -6.70
CA ILE C 167 -26.71 -3.37 -7.76
C ILE C 167 -27.93 -3.88 -8.55
N GLU C 168 -27.82 -5.08 -9.11
CA GLU C 168 -28.92 -5.67 -9.88
C GLU C 168 -30.13 -6.08 -9.04
N LEU C 169 -29.87 -6.44 -7.79
CA LEU C 169 -30.90 -6.99 -6.95
C LEU C 169 -31.43 -6.02 -5.87
N ASN C 170 -31.14 -4.72 -6.01
CA ASN C 170 -31.46 -3.78 -4.92
C ASN C 170 -32.95 -3.52 -4.66
N GLU C 171 -33.78 -3.66 -5.69
CA GLU C 171 -35.19 -3.25 -5.60
CA GLU C 171 -35.18 -3.26 -5.60
C GLU C 171 -35.93 -3.98 -4.47
N GLY C 172 -36.58 -3.20 -3.61
CA GLY C 172 -37.38 -3.75 -2.51
C GLY C 172 -36.61 -4.23 -1.29
N LEU C 173 -35.32 -3.89 -1.20
CA LEU C 173 -34.50 -4.22 -0.02
C LEU C 173 -34.18 -3.00 0.82
N ILE C 174 -34.13 -3.22 2.14
CA ILE C 174 -33.67 -2.22 3.10
C ILE C 174 -32.47 -2.88 3.80
N LEU C 175 -31.35 -2.16 3.86
CA LEU C 175 -30.12 -2.72 4.44
C LEU C 175 -29.82 -2.15 5.82
N LEU C 176 -29.38 -3.04 6.73
CA LEU C 176 -28.79 -2.57 7.99
C LEU C 176 -27.30 -2.85 7.86
N SER C 177 -26.50 -1.86 8.24
CA SER C 177 -25.08 -1.80 7.88
C SER C 177 -24.13 -2.84 8.49
N GLY C 178 -24.56 -3.56 9.53
CA GLY C 178 -23.67 -4.54 10.18
C GLY C 178 -22.90 -4.01 11.38
N GLY C 179 -23.04 -2.72 11.65
CA GLY C 179 -22.40 -2.09 12.81
C GLY C 179 -20.89 -2.16 12.69
N ARG C 180 -20.21 -2.45 13.80
CA ARG C 180 -18.75 -2.52 13.81
C ARG C 180 -18.19 -3.57 12.86
N MET C 181 -19.03 -4.51 12.44
CA MET C 181 -18.61 -5.64 11.60
C MET C 181 -18.90 -5.42 10.11
N GLY C 182 -19.57 -4.32 9.77
CA GLY C 182 -19.93 -4.03 8.37
C GLY C 182 -18.79 -3.31 7.67
N ASP C 183 -18.93 -3.05 6.37
CA ASP C 183 -17.81 -2.44 5.62
C ASP C 183 -17.55 -1.01 6.08
N VAL C 184 -18.62 -0.24 6.28
CA VAL C 184 -18.51 1.14 6.76
C VAL C 184 -17.94 1.15 8.18
N GLY C 185 -18.46 0.26 9.03
CA GLY C 185 -18.06 0.20 10.45
C GLY C 185 -16.61 -0.13 10.66
N ARG C 186 -16.11 -1.16 9.96
CA ARG C 186 -14.71 -1.56 10.03
C ARG C 186 -13.82 -0.41 9.57
N SER C 187 -14.25 0.27 8.51
CA SER C 187 -13.47 1.38 7.96
C SER C 187 -13.49 2.61 8.86
N LEU C 188 -14.61 2.87 9.54
CA LEU C 188 -14.65 3.91 10.59
C LEU C 188 -13.71 3.60 11.74
N LEU C 189 -13.74 2.36 12.23
CA LEU C 189 -12.86 1.97 13.33
C LEU C 189 -11.38 2.07 12.96
N ARG C 190 -11.06 1.87 11.69
CA ARG C 190 -9.66 1.97 11.22
C ARG C 190 -9.25 3.40 10.83
N GLY C 191 -10.21 4.32 10.86
CA GLY C 191 -9.94 5.71 10.48
C GLY C 191 -9.68 5.90 9.01
N ASN C 192 -10.19 4.99 8.17
CA ASN C 192 -10.00 5.08 6.73
C ASN C 192 -11.14 5.88 6.09
N SER C 193 -11.04 7.22 6.19
CA SER C 193 -12.11 8.13 5.74
C SER C 193 -12.43 8.01 4.24
N ALA C 194 -11.40 7.83 3.43
CA ALA C 194 -11.57 7.70 1.98
C ALA C 194 -12.38 6.47 1.60
N LEU C 195 -12.13 5.35 2.28
CA LEU C 195 -12.91 4.13 2.08
C LEU C 195 -14.34 4.25 2.65
N VAL C 196 -14.49 4.91 3.80
CA VAL C 196 -15.83 5.19 4.33
C VAL C 196 -16.63 5.94 3.27
N ASP C 197 -16.02 6.98 2.69
CA ASP C 197 -16.65 7.77 1.63
C ASP C 197 -17.07 6.92 0.43
N GLU C 198 -16.18 6.04 -0.02
CA GLU C 198 -16.49 5.15 -1.14
C GLU C 198 -17.63 4.18 -0.83
N CYS C 199 -17.62 3.61 0.37
CA CYS C 199 -18.70 2.70 0.78
C CYS C 199 -20.04 3.41 0.87
N VAL C 200 -20.04 4.58 1.50
CA VAL C 200 -21.24 5.38 1.67
C VAL C 200 -21.81 5.81 0.32
N ALA C 201 -20.93 6.12 -0.63
CA ALA C 201 -21.35 6.53 -1.97
C ALA C 201 -22.07 5.39 -2.71
N PHE C 202 -21.63 4.17 -2.51
CA PHE C 202 -22.32 3.00 -3.06
C PHE C 202 -23.75 2.89 -2.52
N TYR C 203 -23.92 2.99 -1.20
CA TYR C 203 -25.26 2.88 -0.61
C TYR C 203 -26.18 4.05 -0.94
N GLU C 204 -25.61 5.25 -1.05
CA GLU C 204 -26.38 6.42 -1.42
C GLU C 204 -26.90 6.32 -2.85
N GLU C 205 -26.08 5.74 -3.74
CA GLU C 205 -26.49 5.57 -5.13
C GLU C 205 -27.57 4.50 -5.31
N HIS C 206 -27.33 3.31 -4.74
CA HIS C 206 -28.17 2.16 -5.01
C HIS C 206 -29.27 1.92 -3.97
N PHE C 207 -29.06 2.44 -2.77
CA PHE C 207 -30.04 2.26 -1.69
C PHE C 207 -30.46 3.58 -1.03
N PRO C 208 -30.94 4.55 -1.83
CA PRO C 208 -31.28 5.85 -1.22
C PRO C 208 -32.44 5.72 -0.25
N ASP C 209 -32.25 6.24 0.97
CA ASP C 209 -33.18 6.06 2.09
C ASP C 209 -33.49 4.58 2.39
N ARG C 210 -32.60 3.67 1.98
CA ARG C 210 -32.80 2.25 2.24
C ARG C 210 -31.53 1.63 2.81
N TYR C 211 -30.69 2.46 3.42
CA TYR C 211 -29.48 2.00 4.10
C TYR C 211 -29.35 2.69 5.46
N PHE C 212 -29.24 1.87 6.51
CA PHE C 212 -29.25 2.36 7.88
C PHE C 212 -28.00 1.96 8.62
N LEU C 213 -27.34 2.94 9.25
CA LEU C 213 -26.16 2.67 10.08
C LEU C 213 -26.61 2.03 11.39
N GLU C 214 -26.24 0.76 11.55
CA GLU C 214 -26.72 -0.06 12.64
C GLU C 214 -25.96 0.24 13.93
N LEU C 215 -26.71 0.59 14.98
CA LEU C 215 -26.11 0.86 16.28
C LEU C 215 -26.49 -0.24 17.26
N ILE C 216 -25.50 -0.78 17.97
CA ILE C 216 -25.70 -1.94 18.83
C ILE C 216 -24.99 -1.69 20.16
N ARG C 217 -25.68 -1.98 21.26
CA ARG C 217 -25.11 -1.81 22.58
C ARG C 217 -25.24 -3.11 23.37
N THR C 218 -24.30 -4.03 23.17
CA THR C 218 -24.34 -5.33 23.84
C THR C 218 -23.06 -5.58 24.62
N GLY C 219 -22.27 -4.53 24.84
CA GLY C 219 -21.06 -4.65 25.66
C GLY C 219 -19.95 -5.48 25.04
N ARG C 220 -19.79 -5.41 23.72
CA ARG C 220 -18.67 -6.07 23.07
C ARG C 220 -17.66 -5.04 22.58
N PRO C 221 -16.39 -5.46 22.36
CA PRO C 221 -15.30 -4.53 22.02
C PRO C 221 -15.57 -3.73 20.75
N ASP C 222 -15.18 -2.46 20.81
CA ASP C 222 -15.39 -1.48 19.73
C ASP C 222 -16.83 -1.07 19.42
N GLU C 223 -17.83 -1.65 20.10
CA GLU C 223 -19.23 -1.29 19.79
C GLU C 223 -19.52 0.19 20.05
N GLU C 224 -19.07 0.70 21.19
CA GLU C 224 -19.38 2.09 21.54
C GLU C 224 -18.47 3.08 20.79
N SER C 225 -17.21 2.70 20.57
CA SER C 225 -16.31 3.54 19.77
CA SER C 225 -16.29 3.50 19.75
C SER C 225 -16.82 3.64 18.34
N TYR C 226 -17.30 2.53 17.78
CA TYR C 226 -17.92 2.53 16.45
C TYR C 226 -19.18 3.41 16.47
N LEU C 227 -20.01 3.25 17.50
CA LEU C 227 -21.25 4.02 17.62
C LEU C 227 -20.99 5.55 17.58
N HIS C 228 -19.99 6.03 18.33
CA HIS C 228 -19.58 7.43 18.32
C HIS C 228 -19.22 7.87 16.90
N ALA C 229 -18.40 7.07 16.22
CA ALA C 229 -17.98 7.37 14.85
C ALA C 229 -19.16 7.33 13.85
N ALA C 230 -20.07 6.37 14.02
CA ALA C 230 -21.22 6.23 13.14
C ALA C 230 -22.21 7.39 13.28
N VAL C 231 -22.43 7.82 14.53
CA VAL C 231 -23.28 8.99 14.80
C VAL C 231 -22.70 10.29 14.20
N GLU C 232 -21.39 10.47 14.30
CA GLU C 232 -20.72 11.61 13.68
C GLU C 232 -20.88 11.59 12.16
N LEU C 233 -20.71 10.41 11.56
CA LEU C 233 -20.92 10.22 10.11
C LEU C 233 -22.37 10.51 9.71
N ALA C 234 -23.32 10.01 10.49
CA ALA C 234 -24.75 10.17 10.24
C ALA C 234 -25.13 11.65 10.25
N GLU C 235 -24.66 12.37 11.27
CA GLU C 235 -24.82 13.82 11.37
C GLU C 235 -24.20 14.57 10.18
N ALA C 236 -23.02 14.14 9.74
CA ALA C 236 -22.31 14.82 8.65
C ALA C 236 -22.88 14.56 7.25
N ARG C 237 -23.48 13.38 7.04
CA ARG C 237 -23.94 12.99 5.72
C ARG C 237 -25.45 12.89 5.60
N GLY C 238 -26.14 13.03 6.72
CA GLY C 238 -27.60 12.86 6.78
C GLY C 238 -28.05 11.41 6.60
N LEU C 239 -27.20 10.47 6.99
CA LEU C 239 -27.54 9.05 6.94
C LEU C 239 -28.37 8.67 8.14
N PRO C 240 -29.38 7.79 7.95
CA PRO C 240 -30.15 7.39 9.13
C PRO C 240 -29.46 6.33 10.00
N VAL C 241 -29.59 6.45 11.32
CA VAL C 241 -29.12 5.43 12.24
C VAL C 241 -30.28 4.53 12.67
N VAL C 242 -29.98 3.29 13.04
CA VAL C 242 -31.03 2.39 13.54
C VAL C 242 -30.45 1.53 14.66
N ALA C 243 -31.24 1.32 15.72
CA ALA C 243 -30.85 0.45 16.83
C ALA C 243 -31.29 -0.97 16.57
N THR C 244 -30.38 -1.92 16.79
CA THR C 244 -30.79 -3.32 16.88
C THR C 244 -30.12 -3.91 18.10
N ASN C 245 -30.53 -5.12 18.47
CA ASN C 245 -29.87 -5.82 19.55
C ASN C 245 -29.18 -7.11 19.13
N ASP C 246 -29.05 -7.33 17.81
CA ASP C 246 -28.31 -8.47 17.29
C ASP C 246 -28.72 -9.74 18.07
N VAL C 247 -30.03 -10.01 18.09
CA VAL C 247 -30.59 -11.03 18.99
C VAL C 247 -30.21 -12.44 18.55
N ARG C 248 -29.66 -13.23 19.48
CA ARG C 248 -29.21 -14.60 19.17
C ARG C 248 -29.92 -15.68 20.00
N PHE C 249 -30.60 -15.26 21.05
CA PHE C 249 -31.33 -16.18 21.95
C PHE C 249 -32.41 -15.37 22.66
N ILE C 250 -33.34 -16.06 23.33
CA ILE C 250 -34.53 -15.41 23.86
CA ILE C 250 -34.55 -15.46 23.90
C ILE C 250 -34.26 -14.66 25.17
N ASP C 251 -33.64 -15.32 26.13
CA ASP C 251 -33.36 -14.72 27.45
C ASP C 251 -31.87 -14.71 27.71
N SER C 252 -31.41 -13.76 28.53
CA SER C 252 -29.99 -13.63 28.85
C SER C 252 -29.40 -14.92 29.41
N SER C 253 -30.23 -15.66 30.14
CA SER C 253 -29.83 -16.96 30.70
C SER C 253 -29.56 -18.06 29.67
N ASP C 254 -29.93 -17.83 28.41
CA ASP C 254 -29.68 -18.80 27.33
C ASP C 254 -28.26 -18.69 26.78
N PHE C 255 -27.49 -17.71 27.27
CA PHE C 255 -26.19 -17.37 26.68
C PHE C 255 -25.18 -18.51 26.79
N ASP C 256 -25.08 -19.08 27.99
CA ASP C 256 -24.17 -20.19 28.27
C ASP C 256 -24.32 -21.31 27.25
N ALA C 257 -25.56 -21.77 27.05
CA ALA C 257 -25.85 -22.85 26.11
C ALA C 257 -25.47 -22.46 24.69
N HIS C 258 -25.76 -21.22 24.30
CA HIS C 258 -25.44 -20.72 22.96
C HIS C 258 -23.93 -20.76 22.69
N GLU C 259 -23.15 -20.26 23.64
CA GLU C 259 -21.68 -20.24 23.55
C GLU C 259 -21.11 -21.62 23.28
N ILE C 260 -21.60 -22.61 24.02
CA ILE C 260 -21.16 -23.99 23.92
C ILE C 260 -21.54 -24.64 22.58
N ARG C 261 -22.76 -24.38 22.10
CA ARG C 261 -23.18 -24.89 20.79
C ARG C 261 -22.32 -24.37 19.65
N VAL C 262 -21.98 -23.09 19.72
CA VAL C 262 -21.15 -22.46 18.68
C VAL C 262 -19.76 -23.11 18.66
N ALA C 263 -19.17 -23.30 19.84
CA ALA C 263 -17.84 -23.93 19.96
C ALA C 263 -17.79 -25.31 19.29
N ILE C 264 -18.73 -26.18 19.66
CA ILE C 264 -18.79 -27.56 19.13
C ILE C 264 -18.88 -27.59 17.60
N HIS C 265 -19.74 -26.75 17.02
CA HIS C 265 -19.83 -26.64 15.57
C HIS C 265 -18.48 -26.29 14.93
N ASP C 266 -17.76 -25.35 15.56
CA ASP C 266 -16.49 -24.83 15.03
C ASP C 266 -15.29 -25.79 15.17
N GLY C 267 -15.35 -26.69 16.14
CA GLY C 267 -14.26 -27.63 16.42
C GLY C 267 -13.44 -27.26 17.64
N PHE C 268 -14.06 -26.59 18.60
CA PHE C 268 -13.40 -26.13 19.84
C PHE C 268 -14.10 -26.66 21.09
N THR C 269 -13.35 -26.72 22.19
CA THR C 269 -13.94 -26.88 23.52
C THR C 269 -14.02 -25.52 24.22
N LEU C 270 -14.80 -25.44 25.29
CA LEU C 270 -15.03 -24.16 25.99
C LEU C 270 -13.77 -23.61 26.68
N ASP C 271 -12.95 -24.50 27.26
CA ASP C 271 -11.73 -24.10 27.95
C ASP C 271 -10.58 -23.69 26.99
N ASP C 272 -10.71 -24.10 25.73
CA ASP C 272 -9.70 -23.87 24.69
C ASP C 272 -9.24 -22.41 24.61
N PRO C 273 -7.90 -22.17 24.65
CA PRO C 273 -7.34 -20.84 24.48
C PRO C 273 -7.64 -20.19 23.12
N LYS C 274 -7.78 -21.01 22.07
CA LYS C 274 -8.00 -20.52 20.71
C LYS C 274 -9.45 -20.12 20.37
N ARG C 275 -10.39 -20.50 21.24
CA ARG C 275 -11.83 -20.31 20.99
C ARG C 275 -12.25 -18.83 20.97
N PRO C 276 -12.74 -18.33 19.82
CA PRO C 276 -13.17 -16.93 19.75
C PRO C 276 -14.44 -16.69 20.57
N ARG C 277 -14.53 -15.53 21.21
CA ARG C 277 -15.72 -15.12 21.93
C ARG C 277 -16.42 -14.03 21.14
N ASN C 278 -17.39 -14.44 20.32
CA ASN C 278 -18.02 -13.50 19.40
C ASN C 278 -19.34 -12.91 19.91
N TYR C 279 -19.83 -13.44 21.03
CA TYR C 279 -21.18 -13.15 21.52
C TYR C 279 -21.19 -12.68 22.97
N SER C 280 -22.27 -11.99 23.32
CA SER C 280 -22.45 -11.42 24.66
C SER C 280 -23.79 -11.85 25.26
N PRO C 281 -23.86 -12.02 26.60
CA PRO C 281 -25.12 -12.32 27.30
C PRO C 281 -26.20 -11.25 27.09
N GLN C 282 -25.83 -10.11 26.54
CA GLN C 282 -26.78 -9.04 26.30
C GLN C 282 -27.59 -9.20 25.01
N GLN C 283 -27.23 -10.19 24.19
CA GLN C 283 -27.86 -10.39 22.88
C GLN C 283 -29.16 -11.18 22.95
N TYR C 284 -29.98 -10.88 23.96
CA TYR C 284 -31.27 -11.54 24.10
C TYR C 284 -32.35 -10.62 23.53
N MET C 285 -33.59 -11.09 23.58
CA MET C 285 -34.69 -10.30 23.06
C MET C 285 -35.12 -9.28 24.12
N ARG C 286 -34.40 -8.17 24.17
CA ARG C 286 -34.69 -7.10 25.12
C ARG C 286 -36.08 -6.55 24.85
N SER C 287 -36.74 -6.07 25.90
CA SER C 287 -38.08 -5.51 25.74
C SER C 287 -37.99 -4.11 25.12
N GLU C 288 -39.13 -3.59 24.70
CA GLU C 288 -39.19 -2.22 24.15
C GLU C 288 -38.72 -1.20 25.20
N GLU C 289 -39.15 -1.36 26.46
CA GLU C 289 -38.70 -0.43 27.50
CA GLU C 289 -38.71 -0.46 27.52
C GLU C 289 -37.20 -0.53 27.72
N GLU C 290 -36.65 -1.75 27.66
CA GLU C 290 -35.20 -1.94 27.82
C GLU C 290 -34.45 -1.22 26.72
N MET C 291 -34.88 -1.42 25.47
CA MET C 291 -34.26 -0.76 24.32
C MET C 291 -34.39 0.75 24.37
N CYS C 292 -35.57 1.26 24.75
CA CYS C 292 -35.77 2.70 24.88
C CYS C 292 -34.87 3.37 25.91
N GLU C 293 -34.64 2.70 27.04
CA GLU C 293 -33.72 3.19 28.05
C GLU C 293 -32.29 3.09 27.54
N LEU C 294 -31.99 2.03 26.79
CA LEU C 294 -30.65 1.77 26.30
C LEU C 294 -30.20 2.81 25.27
N PHE C 295 -31.15 3.29 24.47
CA PHE C 295 -30.89 4.29 23.43
C PHE C 295 -31.60 5.61 23.70
N ALA C 296 -31.84 5.91 24.97
CA ALA C 296 -32.49 7.16 25.37
C ALA C 296 -31.76 8.39 24.79
N ASP C 297 -30.44 8.31 24.69
CA ASP C 297 -29.62 9.40 24.14
C ASP C 297 -29.67 9.55 22.60
N ILE C 298 -30.24 8.55 21.92
CA ILE C 298 -30.35 8.57 20.44
C ILE C 298 -31.76 8.11 20.03
N PRO C 299 -32.80 8.91 20.34
CA PRO C 299 -34.18 8.47 20.02
C PRO C 299 -34.42 8.20 18.54
N GLU C 300 -33.68 8.87 17.66
CA GLU C 300 -33.79 8.62 16.23
C GLU C 300 -33.50 7.14 15.88
N ALA C 301 -32.56 6.53 16.59
CA ALA C 301 -32.22 5.12 16.31
C ALA C 301 -33.38 4.19 16.60
N LEU C 302 -34.15 4.52 17.64
CA LEU C 302 -35.37 3.80 17.98
C LEU C 302 -36.50 4.11 16.98
N ALA C 303 -36.66 5.38 16.62
CA ALA C 303 -37.73 5.78 15.71
C ALA C 303 -37.57 5.14 14.32
N ASN C 304 -36.33 5.00 13.86
CA ASN C 304 -36.12 4.39 12.54
C ASN C 304 -36.53 2.91 12.53
N THR C 305 -36.47 2.21 13.67
CA THR C 305 -36.94 0.81 13.69
C THR C 305 -38.43 0.73 13.41
N VAL C 306 -39.18 1.70 13.92
CA VAL C 306 -40.64 1.67 13.76
C VAL C 306 -41.00 2.05 12.32
N GLU C 307 -40.29 3.04 11.79
CA GLU C 307 -40.52 3.42 10.37
C GLU C 307 -40.15 2.27 9.44
N ILE C 308 -39.01 1.64 9.68
CA ILE C 308 -38.64 0.47 8.86
C ILE C 308 -39.69 -0.63 8.97
N ALA C 309 -40.19 -0.87 10.18
CA ALA C 309 -41.20 -1.91 10.37
C ALA C 309 -42.48 -1.62 9.54
N LYS C 310 -42.88 -0.36 9.46
CA LYS C 310 -44.02 0.06 8.63
C LYS C 310 -43.76 -0.12 7.15
N ARG C 311 -42.49 0.03 6.76
CA ARG C 311 -42.09 -0.04 5.36
C ARG C 311 -41.93 -1.47 4.84
N CYS C 312 -41.93 -2.45 5.75
CA CYS C 312 -41.66 -3.85 5.37
C CYS C 312 -42.98 -4.62 5.30
N ASN C 313 -43.47 -4.85 4.08
CA ASN C 313 -44.78 -5.39 3.83
C ASN C 313 -44.68 -6.49 2.78
N VAL C 314 -44.30 -7.69 3.23
CA VAL C 314 -44.21 -8.85 2.34
C VAL C 314 -45.41 -9.72 2.65
N THR C 315 -46.18 -10.05 1.62
CA THR C 315 -47.39 -10.82 1.78
C THR C 315 -47.21 -12.24 1.26
N LYS D 4 14.42 -14.54 5.69
CA LYS D 4 13.63 -13.34 5.24
C LYS D 4 13.43 -12.31 6.37
N LEU D 5 12.89 -12.74 7.51
CA LEU D 5 12.71 -11.85 8.67
C LEU D 5 14.00 -11.65 9.46
N ARG D 6 14.36 -10.38 9.69
CA ARG D 6 15.64 -10.01 10.30
C ARG D 6 15.63 -10.22 11.81
N VAL D 7 16.70 -10.85 12.33
CA VAL D 7 16.97 -10.79 13.77
C VAL D 7 18.13 -9.80 13.92
N VAL D 8 17.99 -8.87 14.86
CA VAL D 8 19.03 -7.89 15.15
C VAL D 8 19.85 -8.43 16.32
N PHE D 9 21.02 -8.98 16.03
CA PHE D 9 21.87 -9.56 17.07
C PHE D 9 22.62 -8.50 17.86
N ALA D 10 22.67 -8.70 19.17
CA ALA D 10 23.50 -7.89 20.05
C ALA D 10 24.92 -7.98 19.50
N THR D 11 25.58 -6.82 19.42
CA THR D 11 26.96 -6.75 18.95
C THR D 11 27.88 -7.28 20.04
N ASP D 12 29.14 -7.53 19.69
CA ASP D 12 30.13 -7.95 20.69
C ASP D 12 30.21 -6.98 21.87
N GLU D 13 30.19 -5.67 21.59
CA GLU D 13 30.18 -4.64 22.66
C GLU D 13 28.96 -4.76 23.58
N GLU D 14 27.80 -5.02 22.99
CA GLU D 14 26.56 -5.17 23.74
C GLU D 14 26.56 -6.46 24.55
N ILE D 15 27.11 -7.52 23.96
CA ILE D 15 27.26 -8.80 24.68
C ILE D 15 28.15 -8.60 25.92
N ALA D 16 29.23 -7.83 25.79
CA ALA D 16 30.11 -7.53 26.94
C ALA D 16 29.36 -6.78 28.04
N ALA D 17 28.53 -5.82 27.64
CA ALA D 17 27.73 -5.05 28.59
C ALA D 17 26.68 -5.94 29.25
N HIS D 18 26.11 -6.86 28.48
CA HIS D 18 25.16 -7.83 29.00
C HIS D 18 25.81 -8.73 30.05
N GLU D 19 27.00 -9.24 29.74
CA GLU D 19 27.71 -10.09 30.70
C GLU D 19 28.04 -9.35 32.00
N ALA D 20 28.50 -8.11 31.85
CA ALA D 20 28.76 -7.23 33.00
C ALA D 20 27.47 -6.93 33.78
N ARG D 21 26.36 -6.74 33.08
CA ARG D 21 25.08 -6.45 33.74
C ARG D 21 24.60 -7.66 34.51
N LEU D 22 24.77 -8.84 33.93
CA LEU D 22 24.46 -10.09 34.68
C LEU D 22 25.39 -10.31 35.89
N ASP D 23 26.67 -9.96 35.75
CA ASP D 23 27.59 -9.99 36.87
C ASP D 23 27.05 -9.13 38.03
N LEU D 24 26.49 -7.96 37.68
CA LEU D 24 25.94 -7.08 38.71
C LEU D 24 24.74 -7.75 39.42
N VAL D 25 23.86 -8.38 38.65
CA VAL D 25 22.70 -9.10 39.19
C VAL D 25 23.20 -10.14 40.19
N GLN D 26 24.20 -10.89 39.76
CA GLN D 26 24.72 -11.99 40.55
C GLN D 26 25.48 -11.55 41.81
N LYS D 27 26.27 -10.49 41.69
CA LYS D 27 27.05 -9.97 42.79
C LYS D 27 26.20 -9.20 43.83
N LYS D 28 25.06 -8.67 43.40
CA LYS D 28 24.16 -7.98 44.33
C LYS D 28 23.14 -8.93 44.95
N GLY D 29 22.73 -9.94 44.19
CA GLY D 29 21.63 -10.84 44.59
C GLY D 29 21.98 -12.26 45.00
N GLY D 30 23.15 -12.74 44.59
CA GLY D 30 23.57 -14.08 45.02
C GLY D 30 23.07 -15.20 44.13
N SER D 31 22.52 -14.83 42.97
CA SER D 31 22.12 -15.79 41.91
C SER D 31 21.85 -15.06 40.60
N CYS D 32 21.81 -15.83 39.51
CA CYS D 32 21.49 -15.25 38.21
C CYS D 32 20.76 -16.30 37.38
N LEU D 33 19.48 -16.07 37.12
CA LEU D 33 18.66 -17.08 36.45
C LEU D 33 19.18 -17.40 35.05
N TRP D 34 19.75 -16.39 34.37
CA TRP D 34 20.29 -16.60 33.03
C TRP D 34 21.40 -17.66 33.07
N ARG D 35 22.16 -17.67 34.15
CA ARG D 35 23.31 -18.59 34.34
C ARG D 35 23.03 -19.77 35.31
N ALA D 36 21.75 -20.00 35.64
CA ALA D 36 21.39 -21.09 36.56
C ALA D 36 21.42 -22.46 35.89
N THR D 37 21.93 -23.46 36.61
CA THR D 37 21.92 -24.85 36.14
C THR D 37 20.88 -25.65 36.91
N ARG D 38 19.93 -26.24 36.18
CA ARG D 38 18.94 -27.11 36.80
CA ARG D 38 18.94 -27.17 36.71
C ARG D 38 19.60 -28.26 37.57
N GLU D 39 18.94 -28.69 38.64
CA GLU D 39 19.43 -29.80 39.44
C GLU D 39 19.49 -31.03 38.53
N SER D 40 20.60 -31.76 38.61
CA SER D 40 20.86 -32.92 37.75
C SER D 40 21.04 -32.55 36.26
N GLY D 41 21.11 -31.26 35.97
CA GLY D 41 21.55 -30.74 34.66
C GLY D 41 23.07 -30.61 34.70
N SER D 42 23.65 -30.03 33.67
CA SER D 42 25.11 -29.79 33.63
C SER D 42 25.37 -28.41 33.04
N ILE D 43 26.54 -27.85 33.32
CA ILE D 43 26.89 -26.53 32.77
C ILE D 43 26.85 -26.60 31.24
N GLY D 44 27.36 -27.71 30.72
CA GLY D 44 27.47 -27.95 29.28
C GLY D 44 26.15 -27.96 28.52
N SER D 45 25.06 -28.32 29.21
CA SER D 45 23.76 -28.47 28.57
C SER D 45 22.79 -27.33 28.87
N MET D 46 23.26 -26.30 29.56
CA MET D 46 22.46 -25.11 29.80
C MET D 46 22.01 -24.48 28.49
N SER D 47 20.83 -23.89 28.50
CA SER D 47 20.34 -23.24 27.30
C SER D 47 19.98 -21.78 27.54
N GLU D 48 20.00 -21.01 26.46
CA GLU D 48 19.60 -19.61 26.47
C GLU D 48 18.08 -19.48 26.59
N PRO D 49 17.60 -18.35 27.15
CA PRO D 49 16.14 -18.15 27.11
C PRO D 49 15.67 -18.05 25.66
N ARG D 50 14.41 -18.41 25.43
CA ARG D 50 13.82 -18.37 24.09
C ARG D 50 12.91 -17.15 23.92
N PHE D 51 12.49 -16.56 25.04
CA PHE D 51 11.57 -15.42 25.04
C PHE D 51 11.74 -14.61 26.32
N VAL D 52 11.64 -13.29 26.18
CA VAL D 52 11.66 -12.37 27.33
C VAL D 52 10.47 -11.42 27.16
N HIS D 53 9.70 -11.23 28.23
CA HIS D 53 8.62 -10.19 28.24
C HIS D 53 9.20 -8.78 28.23
N LEU D 54 8.87 -8.01 27.19
CA LEU D 54 9.38 -6.64 27.04
C LEU D 54 8.32 -5.55 27.21
N ARG D 55 7.07 -5.97 27.40
CA ARG D 55 5.98 -5.02 27.65
C ARG D 55 5.07 -5.55 28.74
N VAL D 56 5.12 -4.91 29.91
CA VAL D 56 4.53 -5.44 31.14
C VAL D 56 4.15 -4.26 32.03
N HIS D 57 2.90 -4.25 32.48
CA HIS D 57 2.40 -3.21 33.36
C HIS D 57 2.08 -3.75 34.75
N SER D 58 2.38 -2.95 35.78
CA SER D 58 1.86 -3.20 37.12
C SER D 58 0.35 -2.93 37.12
N ASP D 59 -0.35 -3.41 38.14
CA ASP D 59 -1.82 -3.37 38.20
C ASP D 59 -2.42 -1.97 38.06
N TYR D 60 -1.75 -0.96 38.59
CA TYR D 60 -2.31 0.39 38.62
C TYR D 60 -1.63 1.35 37.64
N SER D 61 -0.93 0.78 36.66
CA SER D 61 -0.09 1.53 35.72
C SER D 61 -0.72 2.79 35.11
N MET D 62 -1.93 2.65 34.59
CA MET D 62 -2.58 3.75 33.87
CA MET D 62 -2.61 3.71 33.85
C MET D 62 -3.66 4.44 34.69
N ILE D 63 -3.83 3.98 35.93
CA ILE D 63 -4.88 4.49 36.79
C ILE D 63 -4.27 5.05 38.09
N ASP D 64 -5.10 5.33 39.09
CA ASP D 64 -4.63 5.81 40.37
C ASP D 64 -4.34 4.63 41.27
N GLY D 65 -3.12 4.61 41.83
CA GLY D 65 -2.73 3.55 42.75
C GLY D 65 -1.24 3.32 42.79
N PRO D 66 -0.80 2.43 43.70
CA PRO D 66 0.63 2.12 43.89
C PRO D 66 1.21 1.32 42.73
N ALA D 67 2.50 1.54 42.45
CA ALA D 67 3.24 0.73 41.49
C ALA D 67 4.01 -0.39 42.19
N LYS D 68 3.31 -1.49 42.44
CA LYS D 68 3.89 -2.64 43.11
C LYS D 68 4.43 -3.60 42.05
N THR D 69 5.74 -3.80 42.08
CA THR D 69 6.41 -4.68 41.12
C THR D 69 6.77 -6.04 41.72
N ALA D 70 6.71 -6.15 43.05
CA ALA D 70 6.94 -7.40 43.77
C ALA D 70 6.23 -8.62 43.13
N PRO D 71 4.90 -8.54 42.92
CA PRO D 71 4.20 -9.67 42.29
C PRO D 71 4.69 -10.04 40.88
N LEU D 72 5.10 -9.05 40.09
CA LEU D 72 5.63 -9.32 38.74
C LEU D 72 6.96 -10.07 38.83
N VAL D 73 7.81 -9.61 39.72
CA VAL D 73 9.11 -10.27 39.96
C VAL D 73 8.91 -11.70 40.46
N LYS D 74 8.04 -11.86 41.46
CA LYS D 74 7.71 -13.16 42.03
C LYS D 74 7.24 -14.14 40.96
N LYS D 75 6.36 -13.69 40.06
CA LYS D 75 5.85 -14.58 39.02
C LYS D 75 6.95 -14.94 38.01
N ALA D 76 7.74 -13.94 37.61
CA ALA D 76 8.83 -14.15 36.67
C ALA D 76 9.85 -15.13 37.24
N ALA D 77 10.14 -15.00 38.54
CA ALA D 77 11.11 -15.88 39.19
C ALA D 77 10.54 -17.30 39.21
N ALA D 78 9.23 -17.41 39.47
CA ALA D 78 8.57 -18.72 39.46
C ALA D 78 8.58 -19.40 38.08
N LEU D 79 8.50 -18.61 37.01
CA LEU D 79 8.57 -19.13 35.64
C LEU D 79 10.00 -19.36 35.16
N GLY D 80 10.97 -18.98 35.99
CA GLY D 80 12.40 -19.07 35.64
C GLY D 80 12.83 -18.11 34.56
N MET D 81 12.14 -16.98 34.44
CA MET D 81 12.48 -15.96 33.44
C MET D 81 13.71 -15.16 33.85
N PRO D 82 14.74 -15.14 32.98
CA PRO D 82 16.01 -14.52 33.41
C PRO D 82 16.09 -13.01 33.22
N ALA D 83 15.08 -12.45 32.54
CA ALA D 83 14.98 -11.01 32.32
C ALA D 83 13.52 -10.62 32.25
N LEU D 84 13.23 -9.36 32.57
CA LEU D 84 11.87 -8.85 32.56
C LEU D 84 11.91 -7.34 32.43
N ALA D 85 11.10 -6.77 31.53
CA ALA D 85 10.95 -5.31 31.49
C ALA D 85 9.69 -4.95 32.25
N ILE D 86 9.71 -3.80 32.93
CA ILE D 86 8.47 -3.16 33.35
C ILE D 86 8.35 -1.89 32.54
N THR D 87 7.18 -1.70 31.94
CA THR D 87 6.96 -0.60 31.03
C THR D 87 5.65 0.09 31.39
N ASP D 88 5.63 0.70 32.57
CA ASP D 88 4.42 1.38 33.04
C ASP D 88 4.13 2.64 32.24
N PHE D 89 2.91 3.15 32.37
CA PHE D 89 2.50 4.26 31.52
C PHE D 89 3.11 5.60 31.93
N THR D 90 4.00 6.07 31.07
CA THR D 90 4.62 7.39 31.20
C THR D 90 5.15 7.61 32.61
N ASN D 91 5.71 6.55 33.19
CA ASN D 91 6.25 6.65 34.55
C ASN D 91 7.24 5.57 34.84
N LEU D 92 8.14 5.86 35.78
CA LEU D 92 9.16 4.93 36.25
C LEU D 92 9.06 4.67 37.75
N CYS D 93 7.85 4.79 38.29
CA CYS D 93 7.62 4.67 39.73
C CYS D 93 8.25 3.44 40.36
N GLY D 94 8.03 2.28 39.75
CA GLY D 94 8.41 1.03 40.39
C GLY D 94 9.87 0.68 40.21
N LEU D 95 10.62 1.52 39.50
CA LEU D 95 11.98 1.16 39.03
C LEU D 95 12.96 0.83 40.16
N VAL D 96 13.03 1.72 41.15
CA VAL D 96 13.99 1.53 42.25
C VAL D 96 13.76 0.21 42.94
N LYS D 97 12.50 -0.08 43.24
CA LYS D 97 12.15 -1.35 43.90
CA LYS D 97 12.14 -1.35 43.89
C LYS D 97 12.31 -2.54 42.96
N PHE D 98 11.93 -2.37 41.69
CA PHE D 98 12.01 -3.43 40.68
C PHE D 98 13.46 -3.89 40.50
N TYR D 99 14.36 -2.92 40.45
CA TYR D 99 15.79 -3.14 40.33
C TYR D 99 16.31 -3.98 41.49
N GLY D 100 15.96 -3.60 42.72
CA GLY D 100 16.35 -4.35 43.91
C GLY D 100 15.77 -5.77 43.97
N ALA D 101 14.48 -5.88 43.67
CA ALA D 101 13.77 -7.18 43.73
C ALA D 101 14.23 -8.09 42.61
N GLY D 102 14.46 -7.50 41.42
CA GLY D 102 15.03 -8.20 40.28
C GLY D 102 16.32 -8.87 40.73
N HIS D 103 17.22 -8.07 41.28
CA HIS D 103 18.50 -8.58 41.77
C HIS D 103 18.34 -9.68 42.81
N GLY D 104 17.41 -9.49 43.75
CA GLY D 104 17.19 -10.51 44.78
C GLY D 104 16.71 -11.84 44.22
N ALA D 105 16.05 -11.76 43.07
CA ALA D 105 15.48 -12.93 42.40
C ALA D 105 16.40 -13.48 41.31
N GLY D 106 17.51 -12.80 41.07
CA GLY D 106 18.46 -13.21 40.03
C GLY D 106 17.97 -12.90 38.62
N ILE D 107 17.10 -11.90 38.52
CA ILE D 107 16.52 -11.48 37.23
C ILE D 107 17.15 -10.18 36.75
N LYS D 108 17.48 -10.13 35.48
CA LYS D 108 17.99 -8.91 34.87
C LYS D 108 16.84 -7.90 34.67
N PRO D 109 16.84 -6.79 35.42
CA PRO D 109 15.73 -5.83 35.24
C PRO D 109 15.95 -4.99 34.00
N ILE D 110 14.90 -4.87 33.20
CA ILE D 110 14.94 -3.98 32.03
C ILE D 110 14.04 -2.76 32.25
N VAL D 111 14.56 -1.58 31.93
CA VAL D 111 13.92 -0.29 32.21
C VAL D 111 13.21 0.20 30.96
N GLY D 112 11.93 0.54 31.08
CA GLY D 112 11.19 1.07 29.94
C GLY D 112 9.94 1.80 30.41
N ALA D 113 9.21 2.38 29.45
CA ALA D 113 7.90 2.97 29.73
C ALA D 113 7.05 2.99 28.47
N ASP D 114 5.74 2.92 28.67
CA ASP D 114 4.75 3.06 27.59
C ASP D 114 4.28 4.49 27.45
N PHE D 115 3.98 4.91 26.22
CA PHE D 115 3.55 6.27 25.97
C PHE D 115 2.37 6.33 25.02
N ASN D 116 1.65 7.46 25.08
CA ASN D 116 0.76 7.86 24.02
C ASN D 116 1.50 8.95 23.24
N VAL D 117 1.55 8.79 21.91
CA VAL D 117 2.28 9.67 21.02
C VAL D 117 1.37 10.39 20.01
N GLN D 118 1.67 11.68 19.78
CA GLN D 118 1.07 12.47 18.69
CA GLN D 118 1.06 12.42 18.67
C GLN D 118 2.14 12.85 17.66
N CYS D 119 1.76 12.87 16.38
CA CYS D 119 2.69 13.29 15.33
C CYS D 119 1.97 14.13 14.27
N ASP D 120 2.71 14.98 13.56
CA ASP D 120 2.14 15.84 12.52
C ASP D 120 1.32 15.02 11.51
N LEU D 121 1.87 13.88 11.08
CA LEU D 121 1.26 13.04 10.05
C LEU D 121 -0.14 12.54 10.39
N LEU D 122 -0.36 12.20 11.66
CA LEU D 122 -1.66 11.70 12.09
C LEU D 122 -2.53 12.72 12.85
N GLY D 123 -2.10 13.97 12.89
CA GLY D 123 -2.83 15.03 13.59
C GLY D 123 -2.99 14.80 15.07
N ASP D 124 -4.23 14.79 15.54
CA ASP D 124 -4.56 14.70 16.97
C ASP D 124 -4.63 13.26 17.49
N GLU D 125 -4.65 12.29 16.59
CA GLU D 125 -4.72 10.87 16.93
C GLU D 125 -3.56 10.43 17.83
N LEU D 126 -3.89 9.74 18.93
CA LEU D 126 -2.86 9.20 19.82
C LEU D 126 -2.54 7.76 19.53
N THR D 127 -1.24 7.49 19.42
CA THR D 127 -0.77 6.15 19.15
C THR D 127 0.15 5.61 20.26
N HIS D 128 0.28 4.30 20.30
CA HIS D 128 1.05 3.64 21.35
C HIS D 128 2.51 3.50 20.93
N LEU D 129 3.41 3.72 21.88
CA LEU D 129 4.83 3.41 21.69
C LEU D 129 5.41 2.89 23.00
N THR D 130 6.25 1.85 22.93
CA THR D 130 7.03 1.42 24.12
C THR D 130 8.48 1.82 23.93
N VAL D 131 9.05 2.47 24.95
CA VAL D 131 10.44 2.91 24.93
C VAL D 131 11.25 2.16 25.98
N LEU D 132 12.30 1.47 25.54
CA LEU D 132 13.18 0.72 26.45
C LEU D 132 14.51 1.44 26.52
N ALA D 133 15.08 1.51 27.73
CA ALA D 133 16.40 2.10 27.93
C ALA D 133 17.47 1.03 27.76
N ALA D 134 18.32 1.20 26.75
CA ALA D 134 19.37 0.23 26.43
C ALA D 134 20.61 0.45 27.25
N ASN D 135 20.81 1.68 27.72
CA ASN D 135 21.99 2.02 28.49
C ASN D 135 21.66 3.20 29.39
N ASN D 136 22.62 3.62 30.21
CA ASN D 136 22.36 4.68 31.18
C ASN D 136 22.03 6.04 30.56
N THR D 137 22.60 6.33 29.39
CA THR D 137 22.20 7.51 28.63
C THR D 137 20.74 7.39 28.18
N GLY D 138 20.36 6.19 27.72
CA GLY D 138 18.98 5.90 27.38
C GLY D 138 18.04 6.13 28.55
N TYR D 139 18.47 5.69 29.72
CA TYR D 139 17.69 5.86 30.95
C TYR D 139 17.49 7.34 31.26
N GLN D 140 18.57 8.13 31.13
CA GLN D 140 18.45 9.56 31.34
C GLN D 140 17.50 10.17 30.30
N ASN D 141 17.61 9.72 29.05
CA ASN D 141 16.74 10.25 28.00
C ASN D 141 15.28 9.87 28.21
N LEU D 142 15.06 8.67 28.73
CA LEU D 142 13.71 8.24 29.03
C LEU D 142 13.08 9.09 30.12
N THR D 143 13.88 9.43 31.13
CA THR D 143 13.46 10.28 32.23
CA THR D 143 13.39 10.28 32.21
C THR D 143 13.12 11.70 31.72
N LEU D 144 13.92 12.18 30.78
CA LEU D 144 13.70 13.50 30.19
C LEU D 144 12.42 13.54 29.34
N LEU D 145 12.16 12.47 28.59
CA LEU D 145 10.96 12.35 27.78
C LEU D 145 9.70 12.36 28.67
N ILE D 146 9.74 11.64 29.79
CA ILE D 146 8.62 11.63 30.75
C ILE D 146 8.41 13.04 31.32
N SER D 147 9.50 13.68 31.73
CA SER D 147 9.45 15.06 32.23
CA SER D 147 9.44 15.07 32.23
C SER D 147 8.84 16.03 31.19
N LYS D 148 9.25 15.87 29.93
CA LYS D 148 8.73 16.72 28.86
C LYS D 148 7.21 16.60 28.67
N ALA D 149 6.70 15.37 28.73
CA ALA D 149 5.25 15.12 28.59
C ALA D 149 4.44 15.77 29.69
N TYR D 150 4.95 15.69 30.92
CA TYR D 150 4.29 16.35 32.04
C TYR D 150 4.43 17.88 32.04
N GLN D 151 5.62 18.38 31.68
CA GLN D 151 5.87 19.82 31.70
C GLN D 151 4.92 20.65 30.83
N ARG D 152 4.62 20.19 29.62
N ARG D 152 4.64 20.10 29.65
CA ARG D 152 3.71 20.97 28.79
CA ARG D 152 3.72 20.64 28.65
C ARG D 152 2.24 20.82 29.24
C ARG D 152 2.28 20.68 29.13
N GLY D 153 2.00 19.97 30.23
CA GLY D 153 0.67 19.82 30.79
C GLY D 153 -0.20 18.84 30.02
N TYR D 154 -1.34 18.51 30.60
CA TYR D 154 -2.29 17.60 29.96
C TYR D 154 -3.72 17.86 30.40
N GLY D 155 -4.67 17.35 29.62
CA GLY D 155 -6.10 17.38 29.94
C GLY D 155 -6.57 15.98 30.26
N ALA D 156 -7.83 15.69 29.95
CA ALA D 156 -8.43 14.37 30.22
C ALA D 156 -7.72 13.23 29.49
N ALA D 157 -7.08 13.55 28.36
CA ALA D 157 -6.34 12.57 27.56
C ALA D 157 -5.05 12.05 28.24
N GLY D 158 -4.59 12.76 29.27
CA GLY D 158 -3.38 12.36 29.99
C GLY D 158 -2.12 12.85 29.30
N PRO D 159 -0.92 12.57 29.91
CA PRO D 159 0.35 13.02 29.33
C PRO D 159 0.64 12.36 27.98
N ILE D 160 1.17 13.17 27.06
CA ILE D 160 1.40 12.73 25.68
C ILE D 160 2.78 13.21 25.27
N ILE D 161 3.48 12.43 24.44
CA ILE D 161 4.74 12.89 23.87
C ILE D 161 4.54 13.27 22.40
N ASP D 162 5.24 14.28 21.92
CA ASP D 162 5.34 14.52 20.47
C ASP D 162 6.39 13.57 19.88
N ARG D 163 6.07 12.92 18.75
CA ARG D 163 6.98 12.00 18.12
C ARG D 163 8.34 12.67 17.85
N ASP D 164 8.32 13.93 17.42
CA ASP D 164 9.55 14.63 17.08
C ASP D 164 10.49 14.89 18.27
N TRP D 165 9.98 14.79 19.51
CA TRP D 165 10.85 14.87 20.70
C TRP D 165 11.85 13.74 20.73
N LEU D 166 11.53 12.64 20.05
CA LEU D 166 12.40 11.47 19.99
C LEU D 166 13.66 11.70 19.18
N ILE D 167 13.64 12.70 18.30
CA ILE D 167 14.85 13.00 17.51
C ILE D 167 16.02 13.36 18.46
N GLU D 168 15.81 14.36 19.31
CA GLU D 168 16.86 14.80 20.23
C GLU D 168 17.17 13.82 21.35
N LEU D 169 16.18 13.00 21.72
CA LEU D 169 16.32 12.10 22.84
C LEU D 169 16.61 10.63 22.45
N ASN D 170 16.96 10.39 21.20
CA ASN D 170 17.03 9.03 20.69
C ASN D 170 18.11 8.13 21.28
N GLU D 171 19.21 8.73 21.74
CA GLU D 171 20.40 7.96 22.15
CA GLU D 171 20.38 7.94 22.13
C GLU D 171 20.09 6.96 23.27
N GLY D 172 20.47 5.70 23.06
CA GLY D 172 20.30 4.64 24.05
C GLY D 172 18.89 4.09 24.23
N LEU D 173 17.98 4.42 23.31
CA LEU D 173 16.59 3.91 23.37
C LEU D 173 16.33 2.86 22.32
N ILE D 174 15.57 1.84 22.71
CA ILE D 174 15.03 0.86 21.76
C ILE D 174 13.49 0.96 21.81
N LEU D 175 12.88 1.08 20.65
CA LEU D 175 11.43 1.31 20.54
C LEU D 175 10.70 0.06 20.09
N LEU D 176 9.55 -0.21 20.72
CA LEU D 176 8.61 -1.23 20.26
CA LEU D 176 8.61 -1.23 20.26
C LEU D 176 7.42 -0.47 19.68
N SER D 177 7.01 -0.85 18.48
CA SER D 177 6.11 -0.03 17.64
C SER D 177 4.71 0.26 18.17
N GLY D 178 4.22 -0.52 19.13
CA GLY D 178 2.82 -0.36 19.56
C GLY D 178 1.83 -1.24 18.83
N GLY D 179 2.30 -2.01 17.85
CA GLY D 179 1.45 -2.98 17.15
C GLY D 179 0.31 -2.29 16.43
N ARG D 180 -0.90 -2.86 16.51
CA ARG D 180 -2.06 -2.25 15.85
C ARG D 180 -2.37 -0.82 16.35
N MET D 181 -1.85 -0.45 17.52
CA MET D 181 -2.14 0.84 18.11
C MET D 181 -1.07 1.90 17.85
N GLY D 182 0.05 1.50 17.24
CA GLY D 182 1.13 2.45 16.96
C GLY D 182 0.92 3.18 15.65
N ASP D 183 1.77 4.17 15.36
CA ASP D 183 1.56 4.94 14.13
C ASP D 183 1.71 4.09 12.86
N VAL D 184 2.71 3.22 12.82
CA VAL D 184 2.87 2.32 11.66
C VAL D 184 1.67 1.35 11.55
N GLY D 185 1.29 0.72 12.65
CA GLY D 185 0.15 -0.21 12.65
C GLY D 185 -1.16 0.41 12.24
N ARG D 186 -1.48 1.59 12.78
CA ARG D 186 -2.69 2.32 12.40
C ARG D 186 -2.65 2.66 10.90
N SER D 187 -1.49 3.06 10.41
CA SER D 187 -1.36 3.38 9.00
C SER D 187 -1.53 2.15 8.11
N LEU D 188 -1.00 1.00 8.55
CA LEU D 188 -1.17 -0.27 7.82
C LEU D 188 -2.64 -0.67 7.71
N LEU D 189 -3.38 -0.53 8.81
CA LEU D 189 -4.81 -0.87 8.86
C LEU D 189 -5.69 0.08 8.05
N ARG D 190 -5.17 1.29 7.81
CA ARG D 190 -5.85 2.37 7.10
C ARG D 190 -5.57 2.22 5.59
N GLY D 191 -4.76 1.22 5.24
CA GLY D 191 -4.28 1.00 3.87
C GLY D 191 -3.57 2.19 3.24
N ASN D 192 -2.90 3.00 4.07
CA ASN D 192 -2.23 4.19 3.58
C ASN D 192 -0.71 3.99 3.45
N SER D 193 -0.29 3.57 2.26
CA SER D 193 1.11 3.27 1.98
C SER D 193 2.02 4.46 2.22
N ALA D 194 1.55 5.65 1.83
CA ALA D 194 2.30 6.90 2.00
C ALA D 194 2.62 7.17 3.45
N LEU D 195 1.62 7.00 4.33
CA LEU D 195 1.81 7.16 5.76
C LEU D 195 2.74 6.11 6.36
N VAL D 196 2.57 4.85 5.94
CA VAL D 196 3.46 3.76 6.41
C VAL D 196 4.91 4.11 6.06
N ASP D 197 5.13 4.58 4.83
CA ASP D 197 6.48 4.92 4.36
C ASP D 197 7.09 6.10 5.11
N GLU D 198 6.32 7.17 5.29
CA GLU D 198 6.74 8.31 6.13
C GLU D 198 7.12 7.92 7.57
N CYS D 199 6.27 7.10 8.19
CA CYS D 199 6.51 6.65 9.56
C CYS D 199 7.77 5.81 9.67
N VAL D 200 7.89 4.82 8.78
CA VAL D 200 9.05 3.95 8.77
C VAL D 200 10.35 4.73 8.52
N ALA D 201 10.30 5.72 7.61
CA ALA D 201 11.46 6.58 7.30
C ALA D 201 11.96 7.32 8.55
N PHE D 202 11.02 7.75 9.39
CA PHE D 202 11.38 8.40 10.65
C PHE D 202 12.19 7.45 11.54
N TYR D 203 11.68 6.24 11.75
CA TYR D 203 12.39 5.30 12.63
C TYR D 203 13.68 4.76 12.04
N GLU D 204 13.73 4.58 10.73
CA GLU D 204 14.97 4.15 10.10
C GLU D 204 16.08 5.20 10.21
N GLU D 205 15.70 6.47 10.13
CA GLU D 205 16.66 7.57 10.26
C GLU D 205 17.19 7.74 11.68
N HIS D 206 16.28 7.78 12.65
CA HIS D 206 16.65 8.16 14.03
C HIS D 206 16.90 6.97 14.93
N PHE D 207 16.36 5.81 14.56
CA PHE D 207 16.49 4.61 15.38
C PHE D 207 16.98 3.39 14.60
N PRO D 208 18.13 3.51 13.91
CA PRO D 208 18.60 2.38 13.10
C PRO D 208 18.90 1.16 13.99
N ASP D 209 18.36 0.01 13.60
CA ASP D 209 18.42 -1.22 14.41
C ASP D 209 17.86 -1.09 15.84
N ARG D 210 17.09 -0.03 16.08
CA ARG D 210 16.53 0.22 17.40
C ARG D 210 15.03 0.47 17.37
N TYR D 211 14.37 -0.05 16.33
CA TYR D 211 12.91 0.05 16.22
C TYR D 211 12.38 -1.32 15.79
N PHE D 212 11.41 -1.86 16.54
CA PHE D 212 10.88 -3.18 16.27
C PHE D 212 9.38 -3.17 16.07
N LEU D 213 8.93 -3.84 15.02
CA LEU D 213 7.49 -3.99 14.77
C LEU D 213 6.91 -5.00 15.75
N GLU D 214 6.06 -4.50 16.64
CA GLU D 214 5.51 -5.30 17.73
C GLU D 214 4.35 -6.15 17.24
N LEU D 215 4.42 -7.46 17.49
CA LEU D 215 3.37 -8.41 17.15
C LEU D 215 2.75 -8.96 18.43
N ILE D 216 1.42 -8.91 18.51
CA ILE D 216 0.72 -9.25 19.76
C ILE D 216 -0.46 -10.14 19.40
N ARG D 217 -0.55 -11.27 20.09
CA ARG D 217 -1.64 -12.21 19.87
C ARG D 217 -2.45 -12.43 21.15
N THR D 218 -3.48 -11.59 21.33
CA THR D 218 -4.31 -11.66 22.53
C THR D 218 -5.82 -11.69 22.21
N GLY D 219 -6.13 -11.98 20.94
CA GLY D 219 -7.51 -12.14 20.50
C GLY D 219 -8.32 -10.86 20.47
N ARG D 220 -7.66 -9.73 20.29
CA ARG D 220 -8.35 -8.44 20.23
C ARG D 220 -8.51 -7.97 18.77
N PRO D 221 -9.46 -7.05 18.52
CA PRO D 221 -9.84 -6.70 17.14
C PRO D 221 -8.69 -6.17 16.29
N ASP D 222 -8.57 -6.75 15.10
CA ASP D 222 -7.57 -6.39 14.10
C ASP D 222 -6.12 -6.75 14.46
N GLU D 223 -5.90 -7.50 15.55
CA GLU D 223 -4.53 -7.83 15.95
C GLU D 223 -3.85 -8.71 14.93
N GLU D 224 -4.58 -9.71 14.42
CA GLU D 224 -4.02 -10.68 13.48
C GLU D 224 -3.96 -10.09 12.08
N SER D 225 -4.95 -9.26 11.73
CA SER D 225 -4.95 -8.54 10.47
CA SER D 225 -4.95 -8.53 10.47
C SER D 225 -3.75 -7.58 10.40
N TYR D 226 -3.52 -6.85 11.50
CA TYR D 226 -2.36 -5.99 11.58
C TYR D 226 -1.07 -6.84 11.48
N LEU D 227 -1.03 -7.95 12.22
CA LEU D 227 0.16 -8.83 12.24
C LEU D 227 0.57 -9.25 10.81
N HIS D 228 -0.42 -9.64 10.00
CA HIS D 228 -0.15 -10.06 8.62
C HIS D 228 0.50 -8.93 7.82
N ALA D 229 -0.05 -7.73 7.97
CA ALA D 229 0.46 -6.58 7.22
C ALA D 229 1.85 -6.19 7.71
N ALA D 230 2.07 -6.28 9.03
CA ALA D 230 3.37 -5.95 9.63
C ALA D 230 4.47 -6.93 9.19
N VAL D 231 4.13 -8.21 9.11
CA VAL D 231 5.10 -9.24 8.68
C VAL D 231 5.48 -8.99 7.22
N GLU D 232 4.48 -8.68 6.40
CA GLU D 232 4.72 -8.36 4.99
C GLU D 232 5.62 -7.12 4.84
N LEU D 233 5.37 -6.10 5.66
CA LEU D 233 6.20 -4.90 5.67
C LEU D 233 7.63 -5.24 6.12
N ALA D 234 7.73 -6.06 7.17
CA ALA D 234 9.03 -6.48 7.71
C ALA D 234 9.89 -7.20 6.68
N GLU D 235 9.28 -8.13 5.95
CA GLU D 235 9.99 -8.88 4.91
C GLU D 235 10.43 -7.98 3.74
N ALA D 236 9.56 -7.05 3.33
CA ALA D 236 9.86 -6.14 2.22
C ALA D 236 10.97 -5.15 2.55
N ARG D 237 11.03 -4.73 3.81
CA ARG D 237 11.92 -3.65 4.24
C ARG D 237 13.08 -4.07 5.15
N GLY D 238 13.08 -5.34 5.57
CA GLY D 238 14.11 -5.84 6.49
C GLY D 238 14.00 -5.30 7.91
N LEU D 239 12.80 -4.83 8.27
CA LEU D 239 12.56 -4.33 9.62
C LEU D 239 12.39 -5.51 10.57
N PRO D 240 12.92 -5.41 11.79
CA PRO D 240 12.75 -6.56 12.70
C PRO D 240 11.38 -6.57 13.39
N VAL D 241 10.83 -7.77 13.55
CA VAL D 241 9.60 -7.97 14.33
C VAL D 241 9.94 -8.47 15.73
N VAL D 242 9.04 -8.17 16.66
CA VAL D 242 9.19 -8.62 18.04
C VAL D 242 7.83 -9.00 18.62
N ALA D 243 7.81 -10.11 19.36
CA ALA D 243 6.60 -10.58 20.03
C ALA D 243 6.51 -9.99 21.42
N THR D 244 5.36 -9.42 21.78
CA THR D 244 5.09 -9.13 23.19
C THR D 244 3.72 -9.68 23.55
N ASN D 245 3.40 -9.67 24.83
CA ASN D 245 2.06 -10.07 25.22
C ASN D 245 1.24 -8.95 25.87
N ASP D 246 1.75 -7.73 25.79
CA ASP D 246 1.06 -6.56 26.32
C ASP D 246 0.49 -6.88 27.72
N VAL D 247 1.36 -7.34 28.62
CA VAL D 247 0.93 -7.89 29.92
C VAL D 247 0.37 -6.80 30.84
N ARG D 248 -0.82 -7.04 31.39
CA ARG D 248 -1.54 -6.08 32.24
C ARG D 248 -1.87 -6.67 33.62
N PHE D 249 -1.72 -7.98 33.75
CA PHE D 249 -2.00 -8.68 35.01
C PHE D 249 -1.25 -10.00 35.03
N ILE D 250 -1.18 -10.63 36.20
CA ILE D 250 -0.23 -11.74 36.36
C ILE D 250 -0.72 -13.08 35.79
N ASP D 251 -1.89 -13.51 36.24
CA ASP D 251 -2.51 -14.76 35.75
C ASP D 251 -3.80 -14.42 35.02
N SER D 252 -4.23 -15.28 34.11
CA SER D 252 -5.46 -15.05 33.36
C SER D 252 -6.66 -14.84 34.30
N SER D 253 -6.63 -15.49 35.46
CA SER D 253 -7.68 -15.34 36.47
C SER D 253 -7.75 -13.94 37.08
N ASP D 254 -6.76 -13.09 36.81
CA ASP D 254 -6.74 -11.72 37.33
C ASP D 254 -7.51 -10.73 36.45
N PHE D 255 -7.96 -11.20 35.29
CA PHE D 255 -8.67 -10.35 34.31
C PHE D 255 -9.85 -9.63 34.94
N ASP D 256 -10.70 -10.37 35.65
CA ASP D 256 -11.88 -9.79 36.27
C ASP D 256 -11.54 -8.64 37.22
N ALA D 257 -10.54 -8.83 38.07
CA ALA D 257 -10.08 -7.76 38.97
C ALA D 257 -9.56 -6.54 38.19
N HIS D 258 -8.84 -6.78 37.09
CA HIS D 258 -8.29 -5.70 36.23
C HIS D 258 -9.41 -4.86 35.62
N GLU D 259 -10.37 -5.55 35.02
CA GLU D 259 -11.56 -4.93 34.44
C GLU D 259 -12.29 -4.07 35.45
N ILE D 260 -12.45 -4.59 36.67
CA ILE D 260 -13.08 -3.86 37.79
C ILE D 260 -12.30 -2.56 38.11
N ARG D 261 -10.98 -2.67 38.27
CA ARG D 261 -10.11 -1.53 38.56
C ARG D 261 -10.19 -0.44 37.48
N VAL D 262 -10.17 -0.87 36.21
CA VAL D 262 -10.27 0.02 35.05
C VAL D 262 -11.63 0.70 34.96
N ALA D 263 -12.70 -0.08 35.15
CA ALA D 263 -14.07 0.44 35.14
C ALA D 263 -14.24 1.58 36.16
N ILE D 264 -13.85 1.30 37.41
CA ILE D 264 -13.93 2.29 38.50
C ILE D 264 -13.24 3.62 38.16
N HIS D 265 -11.96 3.55 37.79
CA HIS D 265 -11.21 4.74 37.35
C HIS D 265 -11.90 5.51 36.22
N ASP D 266 -12.43 4.76 35.25
CA ASP D 266 -13.05 5.32 34.04
C ASP D 266 -14.40 5.99 34.31
N GLY D 267 -15.01 5.67 35.47
CA GLY D 267 -16.31 6.22 35.84
C GLY D 267 -17.49 5.44 35.31
N PHE D 268 -17.33 4.12 35.18
CA PHE D 268 -18.38 3.24 34.66
C PHE D 268 -18.64 2.05 35.58
N THR D 269 -19.86 1.51 35.56
CA THR D 269 -20.13 0.20 36.17
C THR D 269 -19.67 -0.89 35.19
N LEU D 270 -19.41 -2.10 35.70
CA LEU D 270 -18.95 -3.21 34.86
C LEU D 270 -19.95 -3.55 33.75
N ASP D 271 -21.23 -3.60 34.12
CA ASP D 271 -22.31 -4.00 33.22
C ASP D 271 -22.74 -2.92 32.24
N ASP D 272 -22.13 -1.73 32.34
CA ASP D 272 -22.48 -0.59 31.49
C ASP D 272 -22.11 -0.89 30.02
N PRO D 273 -23.11 -0.85 29.11
CA PRO D 273 -22.86 -1.03 27.68
C PRO D 273 -21.95 0.03 27.06
N LYS D 274 -21.89 1.21 27.68
CA LYS D 274 -21.06 2.33 27.17
C LYS D 274 -19.59 2.29 27.63
N ARG D 275 -19.26 1.35 28.52
CA ARG D 275 -17.91 1.18 29.08
C ARG D 275 -16.90 0.70 28.03
N PRO D 276 -15.74 1.38 27.93
CA PRO D 276 -14.62 0.97 27.05
C PRO D 276 -14.06 -0.40 27.43
N ARG D 277 -13.87 -1.26 26.42
CA ARG D 277 -13.46 -2.65 26.63
C ARG D 277 -12.21 -2.94 25.80
N ASN D 278 -11.08 -2.46 26.30
CA ASN D 278 -9.82 -2.44 25.58
C ASN D 278 -8.92 -3.62 25.90
N TYR D 279 -9.35 -4.49 26.81
CA TYR D 279 -8.46 -5.52 27.34
C TYR D 279 -9.05 -6.91 27.18
N SER D 280 -8.15 -7.89 27.10
CA SER D 280 -8.47 -9.30 26.87
C SER D 280 -7.94 -10.14 28.03
N PRO D 281 -8.63 -11.26 28.33
CA PRO D 281 -8.11 -12.16 29.36
C PRO D 281 -6.78 -12.83 29.01
N GLN D 282 -6.33 -12.67 27.77
CA GLN D 282 -5.05 -13.22 27.34
C GLN D 282 -3.83 -12.38 27.74
N GLN D 283 -4.07 -11.18 28.28
CA GLN D 283 -3.00 -10.27 28.62
C GLN D 283 -2.34 -10.52 29.97
N TYR D 284 -2.13 -11.79 30.30
CA TYR D 284 -1.44 -12.18 31.52
C TYR D 284 0.02 -12.51 31.23
N MET D 285 0.78 -12.83 32.27
CA MET D 285 2.20 -13.12 32.09
C MET D 285 2.38 -14.57 31.59
N ARG D 286 2.28 -14.74 30.27
CA ARG D 286 2.40 -16.05 29.64
C ARG D 286 3.82 -16.59 29.84
N SER D 287 3.91 -17.91 30.01
CA SER D 287 5.22 -18.55 30.15
C SER D 287 6.00 -18.51 28.85
N GLU D 288 7.31 -18.77 28.94
CA GLU D 288 8.12 -18.87 27.73
C GLU D 288 7.61 -19.98 26.81
N GLU D 289 7.18 -21.10 27.39
CA GLU D 289 6.61 -22.20 26.62
C GLU D 289 5.36 -21.75 25.84
N GLU D 290 4.49 -21.00 26.51
CA GLU D 290 3.24 -20.51 25.89
C GLU D 290 3.54 -19.55 24.77
N MET D 291 4.45 -18.60 25.02
CA MET D 291 4.85 -17.65 23.97
C MET D 291 5.49 -18.35 22.77
N CYS D 292 6.31 -19.36 23.03
CA CYS D 292 6.96 -20.10 21.95
C CYS D 292 5.97 -20.86 21.05
N GLU D 293 4.95 -21.46 21.67
CA GLU D 293 3.87 -22.11 20.93
C GLU D 293 3.05 -21.09 20.13
N LEU D 294 2.76 -19.95 20.75
CA LEU D 294 1.94 -18.90 20.16
C LEU D 294 2.57 -18.29 18.91
N PHE D 295 3.90 -18.16 18.91
CA PHE D 295 4.63 -17.56 17.80
C PHE D 295 5.53 -18.55 17.10
N ALA D 296 5.14 -19.83 17.12
CA ALA D 296 5.92 -20.89 16.47
C ALA D 296 6.13 -20.64 14.98
N ASP D 297 5.14 -20.00 14.34
CA ASP D 297 5.20 -19.67 12.91
C ASP D 297 6.12 -18.45 12.61
N ILE D 298 6.49 -17.70 13.65
CA ILE D 298 7.36 -16.52 13.49
C ILE D 298 8.50 -16.53 14.52
N PRO D 299 9.47 -17.46 14.37
CA PRO D 299 10.51 -17.59 15.41
C PRO D 299 11.36 -16.35 15.62
N GLU D 300 11.55 -15.56 14.55
CA GLU D 300 12.31 -14.32 14.62
C GLU D 300 11.71 -13.33 15.63
N ALA D 301 10.39 -13.34 15.79
CA ALA D 301 9.71 -12.44 16.75
C ALA D 301 10.10 -12.79 18.19
N LEU D 302 10.33 -14.07 18.44
CA LEU D 302 10.78 -14.53 19.74
C LEU D 302 12.28 -14.25 19.94
N ALA D 303 13.06 -14.54 18.90
CA ALA D 303 14.52 -14.36 18.92
C ALA D 303 14.89 -12.92 19.20
N ASN D 304 14.13 -11.99 18.63
CA ASN D 304 14.41 -10.57 18.86
C ASN D 304 14.18 -10.15 20.30
N THR D 305 13.27 -10.82 21.01
CA THR D 305 13.06 -10.46 22.43
C THR D 305 14.32 -10.73 23.24
N VAL D 306 15.01 -11.84 22.91
CA VAL D 306 16.19 -12.27 23.66
C VAL D 306 17.37 -11.36 23.31
N GLU D 307 17.49 -11.01 22.04
CA GLU D 307 18.53 -10.07 21.60
C GLU D 307 18.32 -8.69 22.23
N ILE D 308 17.09 -8.18 22.20
CA ILE D 308 16.78 -6.92 22.89
C ILE D 308 17.13 -6.99 24.38
N ALA D 309 16.78 -8.10 25.05
CA ALA D 309 17.08 -8.26 26.48
C ALA D 309 18.60 -8.16 26.76
N LYS D 310 19.41 -8.74 25.88
CA LYS D 310 20.86 -8.65 25.99
C LYS D 310 21.36 -7.22 25.77
N ARG D 311 20.64 -6.46 24.94
CA ARG D 311 21.05 -5.12 24.59
C ARG D 311 20.68 -4.07 25.64
N CYS D 312 19.78 -4.43 26.57
CA CYS D 312 19.32 -3.48 27.60
C CYS D 312 20.08 -3.65 28.91
N ASN D 313 21.01 -2.72 29.16
CA ASN D 313 21.93 -2.79 30.27
C ASN D 313 22.01 -1.46 31.00
N VAL D 314 21.05 -1.22 31.89
CA VAL D 314 21.05 0.01 32.70
C VAL D 314 21.47 -0.40 34.11
N THR D 315 22.43 0.33 34.65
CA THR D 315 22.98 0.05 35.98
C THR D 315 22.63 1.13 37.00
CL CL E . -28.97 10.60 -12.51
CL CL F . 44.91 -15.68 -3.95
CL CL G . -53.84 0.46 24.59
CL CL H . 20.05 -25.94 33.00
#